data_4AFJ
#
_entry.id   4AFJ
#
_cell.length_a   152.317
_cell.length_b   152.317
_cell.length_c   199.054
_cell.angle_alpha   90.00
_cell.angle_beta   90.00
_cell.angle_gamma   120.00
#
_symmetry.space_group_name_H-M   'H 3 2'
#
loop_
_entity.id
_entity.type
_entity.pdbx_description
1 polymer 'GLYCOGEN SYNTHASE KINASE-3 BETA'
2 polymer 'PROTO-ONCOGENE FRAT1'
3 non-polymer 'SULFATE ION'
4 non-polymer GLYCEROL
5 non-polymer 5-(4-METHOXYPHENYL)-N-(PYRIDIN-4-YLMETHYL)-1,3-OXAZOLE-4-CARBOXAMIDE
6 water water
#
loop_
_entity_poly.entity_id
_entity_poly.type
_entity_poly.pdbx_seq_one_letter_code
_entity_poly.pdbx_strand_id
1 'polypeptide(L)'
;KVSRDKDGSKVTTVVATPGQGPDRPQEVSYTDTKVIGNGSFGVVYQAKLCDSGELVAIKKVLQDKRFKNRELQIMRKLDH
CNIVRLRYFFYSSGEKKDEVYLNLVLDYVPETVYRVARHYSRAKQTLPVIYVKLYMYQLFRSLAYIHSFGICHRDIKPQN
LLLDPDTAVLKLCDFGSAKQLVRGEPNVS(PTR)ICSRYYRAPELIFGATDYTSSIDVWSAGCVLAELLLGQPIFPGDSG
VDQLVEIIKVLGTPTREQIREMNPNYTEFKFPQIKAHPWTKVFRPRTPPEAIALCSRLLEYTPTARLTPLEACAHSFFDE
LRDPNVKLPNGRDTPALFNFTTQELSSNPPLATILIPPHARIQAAASTPTN
;
A,B
2 'polypeptide(L)' DDPHRLLQQLVLSGNLIKEAVRRLHSRRLQ X,Y
#
loop_
_chem_comp.id
_chem_comp.type
_chem_comp.name
_chem_comp.formula
GOL non-polymer GLYCEROL 'C3 H8 O3'
SJJ non-polymer 5-(4-METHOXYPHENYL)-N-(PYRIDIN-4-YLMETHYL)-1,3-OXAZOLE-4-CARBOXAMIDE 'C17 H15 N3 O3'
SO4 non-polymer 'SULFATE ION' 'O4 S -2'
#
# COMPACT_ATOMS: atom_id res chain seq x y z
N LYS A 10 -43.54 7.93 30.30
CA LYS A 10 -43.02 7.90 31.67
C LYS A 10 -41.59 8.43 31.75
N VAL A 11 -41.31 9.25 32.79
CA VAL A 11 -39.98 9.81 33.07
C VAL A 11 -39.34 8.88 34.09
N THR A 12 -38.17 8.31 33.76
CA THR A 12 -37.47 7.41 34.66
C THR A 12 -36.32 8.14 35.32
N THR A 13 -36.30 8.11 36.66
CA THR A 13 -35.23 8.72 37.44
C THR A 13 -34.49 7.60 38.15
N VAL A 14 -33.17 7.60 37.99
CA VAL A 14 -32.27 6.60 38.54
C VAL A 14 -31.06 7.30 39.16
N VAL A 15 -30.35 6.59 40.05
CA VAL A 15 -29.11 7.05 40.64
C VAL A 15 -28.08 6.31 39.81
N ALA A 16 -27.25 7.05 39.06
CA ALA A 16 -26.28 6.44 38.16
C ALA A 16 -24.90 6.99 38.39
N THR A 17 -23.89 6.18 38.09
CA THR A 17 -22.50 6.56 38.26
C THR A 17 -21.90 6.98 36.91
N PRO A 18 -21.18 8.12 36.84
CA PRO A 18 -20.53 8.51 35.57
C PRO A 18 -19.57 7.43 35.07
N GLY A 19 -19.63 7.17 33.77
CA GLY A 19 -18.84 6.15 33.08
C GLY A 19 -17.33 6.21 33.28
N GLN A 20 -16.73 7.42 33.24
N GLN A 20 -16.77 7.43 33.22
CA GLN A 20 -15.28 7.53 33.38
CA GLN A 20 -15.35 7.73 33.37
C GLN A 20 -14.75 8.04 34.72
C GLN A 20 -15.01 8.04 34.83
N GLY A 21 -15.42 9.03 35.31
N GLY A 21 -15.10 9.31 35.22
CA GLY A 21 -15.02 9.61 36.60
CA GLY A 21 -14.81 9.76 36.58
C GLY A 21 -15.77 10.87 36.97
C GLY A 21 -15.63 10.98 36.98
N PRO A 22 -16.00 11.14 38.28
CA PRO A 22 -15.64 10.31 39.45
C PRO A 22 -16.69 9.26 39.83
N ASP A 23 -16.37 8.39 40.79
CA ASP A 23 -17.28 7.34 41.28
C ASP A 23 -18.44 7.92 42.12
N ARG A 24 -18.75 9.23 41.93
CA ARG A 24 -19.78 10.00 42.63
C ARG A 24 -21.13 9.76 41.95
N PRO A 25 -22.05 8.95 42.53
CA PRO A 25 -23.34 8.72 41.86
C PRO A 25 -24.20 9.98 41.84
N GLN A 26 -25.05 10.09 40.82
CA GLN A 26 -25.93 11.27 40.70
C GLN A 26 -27.23 10.86 40.06
N GLU A 27 -28.29 11.65 40.31
CA GLU A 27 -29.60 11.39 39.73
C GLU A 27 -29.60 11.76 38.27
N VAL A 28 -30.08 10.86 37.45
CA VAL A 28 -30.18 11.01 36.01
C VAL A 28 -31.61 10.66 35.66
N SER A 29 -32.25 11.53 34.87
CA SER A 29 -33.61 11.34 34.39
C SER A 29 -33.65 11.21 32.87
N TYR A 30 -34.39 10.21 32.38
CA TYR A 30 -34.59 9.97 30.96
C TYR A 30 -36.03 9.62 30.63
N THR A 31 -36.41 9.83 29.36
CA THR A 31 -37.76 9.59 28.85
C THR A 31 -37.73 9.02 27.41
N ASP A 32 -38.90 8.91 26.75
CA ASP A 32 -39.08 8.39 25.38
C ASP A 32 -38.47 7.00 25.21
N THR A 33 -38.61 6.14 26.24
CA THR A 33 -38.03 4.80 26.30
C THR A 33 -38.69 3.81 25.34
N LYS A 34 -37.87 3.14 24.50
CA LYS A 34 -38.33 2.15 23.55
C LYS A 34 -37.28 1.07 23.31
N VAL A 35 -37.72 -0.19 23.15
CA VAL A 35 -36.82 -1.31 22.88
C VAL A 35 -36.30 -1.20 21.45
N ILE A 36 -34.98 -1.14 21.29
CA ILE A 36 -34.33 -1.07 19.97
C ILE A 36 -33.58 -2.34 19.58
N GLY A 37 -33.44 -3.25 20.54
CA GLY A 37 -32.80 -4.55 20.35
C GLY A 37 -33.00 -5.49 21.52
N ASN A 38 -33.13 -6.79 21.22
CA ASN A 38 -33.29 -7.88 22.19
C ASN A 38 -32.51 -9.08 21.68
N GLY A 39 -31.71 -9.69 22.55
CA GLY A 39 -30.89 -10.86 22.22
C GLY A 39 -30.53 -11.65 23.45
N SER A 40 -29.64 -12.66 23.28
CA SER A 40 -29.18 -13.52 24.38
C SER A 40 -28.49 -12.72 25.50
N PHE A 41 -27.74 -11.67 25.10
CA PHE A 41 -27.02 -10.75 25.99
C PHE A 41 -27.96 -10.00 26.97
N GLY A 42 -29.11 -9.56 26.45
CA GLY A 42 -30.12 -8.80 27.17
C GLY A 42 -30.93 -7.91 26.24
N VAL A 43 -31.31 -6.72 26.72
CA VAL A 43 -32.15 -5.77 25.97
C VAL A 43 -31.46 -4.41 25.79
N VAL A 44 -31.64 -3.80 24.61
CA VAL A 44 -31.11 -2.46 24.31
C VAL A 44 -32.30 -1.51 24.09
N TYR A 45 -32.31 -0.39 24.82
CA TYR A 45 -33.37 0.62 24.72
C TYR A 45 -32.84 1.89 24.11
N GLN A 46 -33.72 2.70 23.53
CA GLN A 46 -33.41 4.05 23.10
C GLN A 46 -34.14 4.94 24.10
N ALA A 47 -33.48 5.99 24.58
CA ALA A 47 -34.08 6.95 25.49
C ALA A 47 -33.54 8.35 25.22
N LYS A 48 -34.15 9.36 25.85
CA LYS A 48 -33.75 10.76 25.74
C LYS A 48 -33.49 11.26 27.15
N LEU A 49 -32.31 11.86 27.39
CA LEU A 49 -31.97 12.41 28.71
C LEU A 49 -32.78 13.69 28.89
N CYS A 50 -33.46 13.82 30.04
CA CYS A 50 -34.29 14.96 30.36
C CYS A 50 -33.53 16.29 30.42
N ASP A 51 -32.27 16.25 30.92
CA ASP A 51 -31.43 17.43 31.10
C ASP A 51 -30.98 18.13 29.82
N SER A 52 -30.39 17.38 28.87
CA SER A 52 -29.83 17.92 27.64
C SER A 52 -30.62 17.60 26.36
N GLY A 53 -31.65 16.76 26.47
CA GLY A 53 -32.46 16.32 25.33
C GLY A 53 -31.71 15.38 24.40
N GLU A 54 -30.49 14.96 24.80
CA GLU A 54 -29.60 14.07 24.06
C GLU A 54 -30.12 12.65 24.06
N LEU A 55 -29.96 11.96 22.93
CA LEU A 55 -30.39 10.58 22.76
C LEU A 55 -29.34 9.65 23.31
N VAL A 56 -29.81 8.57 23.94
CA VAL A 56 -28.95 7.55 24.53
C VAL A 56 -29.48 6.17 24.20
N ALA A 57 -28.59 5.19 24.24
CA ALA A 57 -28.92 3.79 24.12
C ALA A 57 -28.68 3.22 25.51
N ILE A 58 -29.59 2.37 26.00
CA ILE A 58 -29.40 1.76 27.31
C ILE A 58 -29.30 0.26 27.11
N LYS A 59 -28.13 -0.34 27.41
CA LYS A 59 -27.95 -1.78 27.28
C LYS A 59 -28.16 -2.37 28.65
N LYS A 60 -29.19 -3.23 28.80
CA LYS A 60 -29.59 -3.85 30.06
C LYS A 60 -29.23 -5.33 30.04
N VAL A 61 -28.37 -5.75 30.98
CA VAL A 61 -27.83 -7.11 31.10
C VAL A 61 -28.07 -7.68 32.50
N LEU A 62 -28.49 -8.96 32.58
CA LEU A 62 -28.66 -9.66 33.86
C LEU A 62 -27.27 -9.85 34.46
N GLN A 63 -27.06 -9.40 35.70
CA GLN A 63 -25.75 -9.46 36.35
C GLN A 63 -25.70 -10.47 37.50
N PHE A 67 -20.21 -11.32 41.53
CA PHE A 67 -19.20 -11.20 40.46
C PHE A 67 -19.29 -9.84 39.74
N LYS A 68 -18.13 -9.29 39.35
CA LYS A 68 -18.04 -8.02 38.62
C LYS A 68 -18.25 -8.25 37.12
N ASN A 69 -18.88 -7.28 36.45
CA ASN A 69 -19.15 -7.37 35.03
C ASN A 69 -17.89 -6.94 34.27
N ARG A 70 -17.40 -7.84 33.41
CA ARG A 70 -16.19 -7.65 32.61
C ARG A 70 -16.37 -6.50 31.65
N GLU A 71 -17.56 -6.43 31.04
CA GLU A 71 -17.94 -5.42 30.08
C GLU A 71 -17.88 -4.01 30.71
N LEU A 72 -18.39 -3.85 31.93
CA LEU A 72 -18.33 -2.58 32.63
C LEU A 72 -16.88 -2.11 32.92
N GLN A 73 -16.03 -3.01 33.45
N GLN A 73 -16.02 -3.02 33.46
CA GLN A 73 -14.64 -2.68 33.79
CA GLN A 73 -14.62 -2.71 33.78
C GLN A 73 -13.84 -2.23 32.55
C GLN A 73 -13.92 -2.17 32.53
N ILE A 74 -14.11 -2.87 31.40
CA ILE A 74 -13.52 -2.44 30.12
C ILE A 74 -14.06 -1.05 29.72
N MET A 75 -15.41 -0.88 29.68
N MET A 75 -15.40 -0.88 29.67
CA MET A 75 -16.10 0.37 29.26
CA MET A 75 -16.06 0.37 29.24
C MET A 75 -15.69 1.59 30.07
C MET A 75 -15.75 1.60 30.08
N ARG A 76 -15.39 1.41 31.36
CA ARG A 76 -15.01 2.52 32.25
C ARG A 76 -13.61 3.07 31.88
N LYS A 77 -12.80 2.28 31.19
CA LYS A 77 -11.42 2.65 30.80
C LYS A 77 -11.35 3.44 29.51
N LEU A 78 -12.38 3.33 28.67
CA LEU A 78 -12.34 3.89 27.32
C LEU A 78 -12.95 5.25 27.13
N ASP A 79 -12.26 6.08 26.33
CA ASP A 79 -12.67 7.41 25.90
C ASP A 79 -12.00 7.68 24.57
N HIS A 80 -12.74 7.42 23.50
CA HIS A 80 -12.22 7.55 22.12
C HIS A 80 -13.37 7.91 21.19
N CYS A 81 -13.09 8.82 20.24
CA CYS A 81 -14.05 9.30 19.24
C CYS A 81 -14.66 8.20 18.33
N ASN A 82 -13.99 7.03 18.23
CA ASN A 82 -14.49 5.91 17.43
C ASN A 82 -15.03 4.75 18.24
N ILE A 83 -15.36 5.03 19.50
CA ILE A 83 -15.92 4.03 20.42
C ILE A 83 -17.12 4.67 21.12
N VAL A 84 -18.28 3.95 21.14
CA VAL A 84 -19.49 4.45 21.78
C VAL A 84 -19.16 4.68 23.25
N ARG A 85 -19.28 5.91 23.71
CA ARG A 85 -18.92 6.32 25.07
C ARG A 85 -19.93 5.84 26.09
N LEU A 86 -19.43 5.35 27.24
CA LEU A 86 -20.24 4.96 28.38
C LEU A 86 -20.46 6.25 29.17
N ARG A 87 -21.69 6.79 29.13
CA ARG A 87 -22.02 8.03 29.83
C ARG A 87 -22.25 7.76 31.32
N TYR A 88 -23.09 6.75 31.61
CA TYR A 88 -23.43 6.38 32.99
C TYR A 88 -23.64 4.88 33.09
N PHE A 89 -23.66 4.36 34.31
CA PHE A 89 -24.03 2.97 34.54
C PHE A 89 -24.83 2.93 35.82
N PHE A 90 -25.88 2.11 35.84
CA PHE A 90 -26.73 1.96 37.02
C PHE A 90 -27.26 0.56 37.13
N TYR A 91 -27.45 0.09 38.35
CA TYR A 91 -28.01 -1.24 38.59
C TYR A 91 -29.48 -1.10 38.88
N SER A 92 -30.29 -2.09 38.47
CA SER A 92 -31.74 -2.10 38.69
C SER A 92 -32.21 -3.51 39.06
N SER A 93 -33.48 -3.63 39.56
CA SER A 93 -34.07 -4.89 39.97
C SER A 93 -35.29 -5.26 39.14
N LYS A 96 -37.40 -10.63 41.13
CA LYS A 96 -37.14 -11.93 41.76
C LYS A 96 -37.15 -11.95 43.32
N LYS A 97 -36.51 -10.99 44.06
CA LYS A 97 -35.78 -9.79 43.61
C LYS A 97 -34.25 -9.96 43.56
N ASP A 98 -33.74 -11.21 43.78
CA ASP A 98 -32.31 -11.56 43.73
C ASP A 98 -31.69 -11.23 42.35
N GLU A 99 -32.57 -10.98 41.35
CA GLU A 99 -32.26 -10.59 39.98
C GLU A 99 -31.70 -9.16 39.97
N VAL A 100 -30.46 -8.99 39.49
CA VAL A 100 -29.85 -7.67 39.39
C VAL A 100 -29.50 -7.44 37.92
N TYR A 101 -29.90 -6.28 37.38
CA TYR A 101 -29.57 -5.90 36.00
C TYR A 101 -28.62 -4.72 36.00
N LEU A 102 -27.56 -4.80 35.17
CA LEU A 102 -26.63 -3.70 34.96
C LEU A 102 -27.09 -2.97 33.69
N ASN A 103 -27.24 -1.65 33.79
CA ASN A 103 -27.66 -0.80 32.69
C ASN A 103 -26.51 0.10 32.30
N LEU A 104 -26.11 0.03 31.04
CA LEU A 104 -25.04 0.85 30.48
C LEU A 104 -25.70 1.93 29.66
N VAL A 105 -25.50 3.18 30.07
CA VAL A 105 -26.09 4.31 29.35
C VAL A 105 -25.01 4.76 28.38
N LEU A 106 -25.27 4.57 27.10
CA LEU A 106 -24.33 4.85 26.01
C LEU A 106 -24.80 5.98 25.11
N ASP A 107 -23.87 6.67 24.45
CA ASP A 107 -24.22 7.66 23.43
C ASP A 107 -24.98 6.93 22.32
N TYR A 108 -26.06 7.55 21.81
CA TYR A 108 -26.89 6.94 20.77
C TYR A 108 -26.31 7.22 19.40
N VAL A 109 -26.36 6.22 18.52
CA VAL A 109 -25.87 6.33 17.13
C VAL A 109 -27.00 5.71 16.26
N PRO A 110 -27.55 6.43 15.26
CA PRO A 110 -28.73 5.90 14.55
C PRO A 110 -28.56 4.70 13.62
N GLU A 111 -27.38 4.54 12.99
CA GLU A 111 -27.21 3.47 12.00
C GLU A 111 -26.06 2.51 12.25
N THR A 112 -25.99 1.41 11.47
CA THR A 112 -24.90 0.44 11.55
C THR A 112 -24.34 0.23 10.15
N VAL A 113 -23.05 -0.19 10.07
CA VAL A 113 -22.37 -0.55 8.81
C VAL A 113 -23.20 -1.72 8.20
N TYR A 114 -23.76 -2.62 9.05
CA TYR A 114 -24.61 -3.71 8.57
C TYR A 114 -25.78 -3.19 7.70
N ARG A 115 -26.61 -2.28 8.26
N ARG A 115 -26.60 -2.27 8.27
CA ARG A 115 -27.78 -1.68 7.60
CA ARG A 115 -27.78 -1.67 7.62
C ARG A 115 -27.42 -0.92 6.33
C ARG A 115 -27.42 -0.91 6.34
N VAL A 116 -26.35 -0.09 6.37
CA VAL A 116 -25.87 0.71 5.24
C VAL A 116 -25.38 -0.18 4.08
N ALA A 117 -24.57 -1.21 4.39
CA ALA A 117 -24.04 -2.15 3.41
C ALA A 117 -25.17 -3.01 2.80
N ARG A 118 -26.19 -3.37 3.62
CA ARG A 118 -27.37 -4.15 3.20
C ARG A 118 -28.17 -3.36 2.17
N HIS A 119 -28.30 -2.04 2.37
CA HIS A 119 -29.03 -1.13 1.50
C HIS A 119 -28.41 -1.14 0.11
N TYR A 120 -27.08 -0.96 0.03
CA TYR A 120 -26.34 -0.97 -1.22
C TYR A 120 -26.41 -2.34 -1.88
N SER A 121 -26.30 -3.42 -1.09
CA SER A 121 -26.36 -4.79 -1.58
C SER A 121 -27.72 -5.12 -2.21
N ARG A 122 -28.81 -4.69 -1.56
CA ARG A 122 -30.19 -4.88 -2.04
C ARG A 122 -30.43 -4.10 -3.33
N ALA A 123 -29.77 -2.93 -3.47
CA ALA A 123 -29.85 -2.07 -4.65
C ALA A 123 -28.88 -2.50 -5.76
N LYS A 124 -28.06 -3.55 -5.51
CA LYS A 124 -27.06 -4.10 -6.45
C LYS A 124 -26.02 -3.05 -6.88
N GLN A 125 -25.46 -2.34 -5.87
CA GLN A 125 -24.41 -1.33 -6.06
C GLN A 125 -23.40 -1.44 -4.94
N THR A 126 -22.12 -1.15 -5.23
CA THR A 126 -21.06 -1.22 -4.23
C THR A 126 -21.06 0.07 -3.41
N LEU A 127 -20.73 -0.03 -2.10
CA LEU A 127 -20.62 1.13 -1.24
C LEU A 127 -19.50 2.01 -1.87
N PRO A 128 -19.69 3.33 -2.05
CA PRO A 128 -18.62 4.15 -2.65
C PRO A 128 -17.31 3.96 -1.90
N VAL A 129 -16.18 3.88 -2.63
CA VAL A 129 -14.85 3.62 -2.06
C VAL A 129 -14.48 4.59 -0.93
N ILE A 130 -14.93 5.86 -1.02
CA ILE A 130 -14.64 6.86 0.02
C ILE A 130 -15.18 6.42 1.38
N TYR A 131 -16.37 5.78 1.42
CA TYR A 131 -16.96 5.29 2.66
C TYR A 131 -16.25 4.06 3.14
N VAL A 132 -15.71 3.25 2.21
CA VAL A 132 -14.98 2.03 2.59
C VAL A 132 -13.70 2.48 3.33
N LYS A 133 -13.02 3.48 2.79
CA LYS A 133 -11.82 4.04 3.41
C LYS A 133 -12.18 4.65 4.77
N LEU A 134 -13.23 5.50 4.81
CA LEU A 134 -13.63 6.17 6.05
C LEU A 134 -14.05 5.22 7.16
N TYR A 135 -14.90 4.24 6.85
CA TYR A 135 -15.34 3.31 7.90
C TYR A 135 -14.20 2.41 8.39
N MET A 136 -13.43 1.80 7.47
CA MET A 136 -12.30 0.93 7.82
C MET A 136 -11.22 1.67 8.58
N TYR A 137 -10.90 2.92 8.20
CA TYR A 137 -9.87 3.70 8.91
C TYR A 137 -10.32 3.94 10.37
N GLN A 138 -11.60 4.34 10.57
CA GLN A 138 -12.13 4.59 11.93
C GLN A 138 -12.19 3.33 12.76
N LEU A 139 -12.44 2.20 12.11
CA LEU A 139 -12.46 0.91 12.79
C LEU A 139 -11.03 0.57 13.24
N PHE A 140 -10.03 0.75 12.38
CA PHE A 140 -8.63 0.46 12.78
C PHE A 140 -8.16 1.36 13.91
N ARG A 141 -8.60 2.62 13.92
CA ARG A 141 -8.32 3.53 15.03
C ARG A 141 -8.92 3.05 16.35
N SER A 142 -10.19 2.57 16.32
CA SER A 142 -10.84 2.10 17.53
C SER A 142 -10.06 0.85 18.02
N LEU A 143 -9.64 -0.01 17.08
CA LEU A 143 -8.85 -1.22 17.43
C LEU A 143 -7.46 -0.86 17.98
N ALA A 144 -6.75 0.13 17.37
CA ALA A 144 -5.43 0.55 17.88
C ALA A 144 -5.60 0.99 19.31
N TYR A 145 -6.69 1.72 19.59
CA TYR A 145 -6.96 2.22 20.95
C TYR A 145 -7.19 1.10 21.96
N ILE A 146 -8.19 0.24 21.75
CA ILE A 146 -8.46 -0.84 22.71
C ILE A 146 -7.29 -1.81 22.87
N HIS A 147 -6.61 -2.16 21.76
CA HIS A 147 -5.48 -3.09 21.81
C HIS A 147 -4.32 -2.55 22.64
N SER A 148 -4.18 -1.21 22.72
CA SER A 148 -3.14 -0.59 23.55
C SER A 148 -3.34 -0.82 25.06
N PHE A 149 -4.54 -1.24 25.47
CA PHE A 149 -4.86 -1.57 26.90
C PHE A 149 -4.81 -3.09 27.10
N GLY A 150 -4.53 -3.82 26.03
CA GLY A 150 -4.52 -5.28 26.01
C GLY A 150 -5.93 -5.83 25.81
N ILE A 151 -6.90 -4.93 25.49
CA ILE A 151 -8.31 -5.32 25.31
C ILE A 151 -8.56 -5.80 23.90
N CYS A 152 -9.16 -6.97 23.80
CA CYS A 152 -9.54 -7.57 22.53
C CYS A 152 -11.07 -7.54 22.50
N HIS A 153 -11.68 -7.01 21.41
CA HIS A 153 -13.13 -6.91 21.31
C HIS A 153 -13.81 -8.27 21.16
N ARG A 154 -13.25 -9.13 20.27
CA ARG A 154 -13.73 -10.50 20.03
C ARG A 154 -15.11 -10.60 19.42
N ASP A 155 -15.66 -9.50 18.90
CA ASP A 155 -16.96 -9.60 18.18
C ASP A 155 -17.04 -8.51 17.11
N ILE A 156 -15.94 -8.33 16.37
CA ILE A 156 -15.91 -7.32 15.30
C ILE A 156 -16.73 -7.88 14.13
N LYS A 157 -17.81 -7.16 13.77
CA LYS A 157 -18.74 -7.51 12.69
C LYS A 157 -19.50 -6.24 12.30
N PRO A 158 -20.07 -6.16 11.08
CA PRO A 158 -20.77 -4.92 10.68
C PRO A 158 -21.86 -4.45 11.63
N GLN A 159 -22.56 -5.39 12.28
CA GLN A 159 -23.62 -5.06 13.23
C GLN A 159 -23.12 -4.29 14.47
N ASN A 160 -21.82 -4.43 14.80
CA ASN A 160 -21.19 -3.75 15.95
C ASN A 160 -20.49 -2.47 15.58
N LEU A 161 -20.69 -2.04 14.34
CA LEU A 161 -20.08 -0.81 13.86
C LEU A 161 -21.15 0.22 13.61
N LEU A 162 -21.30 1.15 14.55
CA LEU A 162 -22.35 2.16 14.45
C LEU A 162 -21.94 3.35 13.61
N LEU A 163 -22.92 3.97 12.95
CA LEU A 163 -22.69 5.07 12.03
C LEU A 163 -23.62 6.20 12.18
N ASP A 164 -23.07 7.41 12.08
CA ASP A 164 -23.84 8.65 11.99
C ASP A 164 -23.88 8.88 10.46
N PRO A 165 -25.04 8.63 9.78
CA PRO A 165 -25.08 8.74 8.31
C PRO A 165 -24.71 10.11 7.71
N ASP A 166 -24.92 11.20 8.45
CA ASP A 166 -24.61 12.52 7.92
C ASP A 166 -23.12 12.86 8.00
N THR A 167 -22.47 12.57 9.16
CA THR A 167 -21.07 12.91 9.41
C THR A 167 -20.07 11.83 9.03
N ALA A 168 -20.56 10.60 8.77
CA ALA A 168 -19.74 9.44 8.45
C ALA A 168 -18.82 9.04 9.63
N VAL A 169 -19.19 9.43 10.87
CA VAL A 169 -18.47 9.01 12.09
C VAL A 169 -18.84 7.55 12.34
N LEU A 170 -17.84 6.71 12.62
CA LEU A 170 -18.04 5.31 12.97
C LEU A 170 -17.68 5.15 14.42
N LYS A 171 -18.51 4.38 15.15
CA LYS A 171 -18.20 4.08 16.55
C LYS A 171 -18.38 2.59 16.81
N LEU A 172 -17.36 1.98 17.36
CA LEU A 172 -17.34 0.56 17.72
C LEU A 172 -18.23 0.37 18.96
N CYS A 173 -19.11 -0.65 18.95
CA CYS A 173 -19.98 -0.90 20.12
C CYS A 173 -19.94 -2.36 20.56
N ASP A 174 -20.71 -2.65 21.64
CA ASP A 174 -20.92 -3.97 22.21
C ASP A 174 -19.66 -4.64 22.65
N PHE A 175 -19.29 -4.36 23.90
CA PHE A 175 -18.11 -4.93 24.50
C PHE A 175 -18.45 -6.17 25.33
N GLY A 176 -19.60 -6.78 25.04
CA GLY A 176 -20.09 -7.96 25.77
C GLY A 176 -19.26 -9.21 25.60
N SER A 177 -18.44 -9.30 24.53
CA SER A 177 -17.55 -10.46 24.30
C SER A 177 -16.10 -10.08 24.58
N ALA A 178 -15.84 -8.81 24.87
CA ALA A 178 -14.47 -8.31 25.07
C ALA A 178 -13.76 -8.85 26.29
N LYS A 179 -12.43 -8.91 26.20
CA LYS A 179 -11.64 -9.40 27.30
C LYS A 179 -10.26 -8.79 27.26
N GLN A 180 -9.72 -8.46 28.43
CA GLN A 180 -8.33 -8.02 28.56
C GLN A 180 -7.50 -9.33 28.48
N LEU A 181 -6.78 -9.55 27.38
CA LEU A 181 -6.01 -10.79 27.20
C LEU A 181 -4.70 -10.72 27.93
N VAL A 182 -4.38 -11.82 28.62
CA VAL A 182 -3.12 -11.92 29.36
C VAL A 182 -2.41 -13.18 28.86
N ARG A 183 -1.17 -13.04 28.41
CA ARG A 183 -0.39 -14.17 27.91
C ARG A 183 -0.26 -15.28 28.96
N GLY A 184 -0.50 -16.52 28.55
CA GLY A 184 -0.45 -17.67 29.45
C GLY A 184 -1.73 -17.91 30.22
N GLU A 185 -2.73 -17.02 30.08
CA GLU A 185 -4.04 -17.23 30.74
C GLU A 185 -5.00 -17.61 29.62
N PRO A 186 -5.54 -18.86 29.60
CA PRO A 186 -6.36 -19.29 28.45
C PRO A 186 -7.65 -18.53 28.20
N ASN A 187 -8.09 -18.54 26.93
CA ASN A 187 -9.29 -17.82 26.49
C ASN A 187 -10.16 -18.78 25.73
N VAL A 188 -11.49 -18.58 25.75
CA VAL A 188 -12.42 -19.46 25.05
C VAL A 188 -12.20 -19.40 23.50
N SER A 189 -12.15 -20.57 22.85
CA SER A 189 -11.98 -20.56 21.38
C SER A 189 -13.28 -20.31 20.61
N PTR A 190 -14.43 -20.72 21.15
CA PTR A 190 -15.72 -20.51 20.46
C PTR A 190 -16.18 -19.09 20.78
O PTR A 190 -16.87 -18.85 21.76
CB PTR A 190 -16.78 -21.59 20.83
CG PTR A 190 -17.96 -21.52 19.86
CD1 PTR A 190 -17.83 -22.01 18.56
CD2 PTR A 190 -19.23 -21.03 20.30
CE1 PTR A 190 -18.91 -21.95 17.67
CE2 PTR A 190 -20.33 -21.00 19.43
CZ PTR A 190 -20.18 -21.45 18.10
OH PTR A 190 -21.29 -21.45 17.27
P PTR A 190 -21.32 -20.62 15.95
O1P PTR A 190 -21.10 -19.17 16.25
O2P PTR A 190 -22.78 -20.82 15.45
O3P PTR A 190 -20.41 -21.16 14.85
N ILE A 191 -15.70 -18.13 20.00
CA ILE A 191 -15.98 -16.71 20.25
C ILE A 191 -15.98 -16.06 18.88
N CYS A 192 -16.59 -14.85 18.79
N CYS A 192 -16.52 -14.82 18.78
CA CYS A 192 -16.73 -14.06 17.55
CA CYS A 192 -16.69 -14.06 17.53
C CYS A 192 -17.81 -14.64 16.66
C CYS A 192 -17.94 -14.55 16.81
N SER A 193 -18.64 -13.78 16.04
N SER A 193 -18.47 -13.72 15.91
CA SER A 193 -19.69 -14.20 15.12
CA SER A 193 -19.58 -14.09 15.04
C SER A 193 -19.01 -14.96 13.97
C SER A 193 -18.91 -15.02 13.99
N ARG A 194 -19.54 -16.16 13.66
CA ARG A 194 -18.97 -17.15 12.74
C ARG A 194 -18.27 -16.64 11.46
N TYR A 195 -18.95 -15.80 10.69
CA TYR A 195 -18.45 -15.30 9.41
C TYR A 195 -17.18 -14.49 9.56
N TYR A 196 -16.95 -13.92 10.76
CA TYR A 196 -15.82 -13.04 11.09
C TYR A 196 -14.82 -13.70 12.01
N ARG A 197 -15.00 -15.01 12.27
CA ARG A 197 -14.15 -15.74 13.20
C ARG A 197 -12.77 -16.10 12.61
N ALA A 198 -11.68 -15.66 13.28
CA ALA A 198 -10.30 -15.96 12.86
C ALA A 198 -10.04 -17.47 12.80
N PRO A 199 -9.23 -17.95 11.82
CA PRO A 199 -9.01 -19.40 11.71
C PRO A 199 -8.37 -20.05 12.93
N GLU A 200 -7.50 -19.32 13.67
CA GLU A 200 -6.90 -19.91 14.87
C GLU A 200 -7.99 -20.28 15.87
N LEU A 201 -9.13 -19.55 15.88
CA LEU A 201 -10.24 -19.88 16.79
C LEU A 201 -10.94 -21.16 16.32
N ILE A 202 -11.06 -21.35 14.99
CA ILE A 202 -11.66 -22.59 14.45
C ILE A 202 -10.77 -23.80 14.83
N PHE A 203 -9.42 -23.61 14.81
CA PHE A 203 -8.46 -24.67 15.20
C PHE A 203 -8.42 -24.94 16.69
N GLY A 204 -9.21 -24.22 17.47
CA GLY A 204 -9.33 -24.41 18.91
C GLY A 204 -8.26 -23.73 19.74
N ALA A 205 -7.63 -22.68 19.23
CA ALA A 205 -6.61 -21.96 20.00
C ALA A 205 -7.22 -21.28 21.22
N THR A 206 -6.49 -21.31 22.34
CA THR A 206 -6.89 -20.65 23.59
C THR A 206 -5.81 -19.60 23.97
N ASP A 207 -4.68 -19.56 23.24
CA ASP A 207 -3.55 -18.64 23.47
C ASP A 207 -3.50 -17.51 22.39
N TYR A 208 -4.62 -17.25 21.74
CA TYR A 208 -4.71 -16.24 20.69
C TYR A 208 -4.55 -14.84 21.25
N THR A 209 -4.37 -13.87 20.34
CA THR A 209 -4.09 -12.49 20.70
C THR A 209 -5.15 -11.57 20.09
N SER A 210 -4.94 -10.24 20.23
N SER A 210 -4.96 -10.24 20.24
CA SER A 210 -5.81 -9.20 19.67
CA SER A 210 -5.86 -9.24 19.67
C SER A 210 -5.84 -9.21 18.14
C SER A 210 -5.84 -9.21 18.14
N SER A 211 -4.94 -9.99 17.48
CA SER A 211 -4.91 -10.08 16.01
C SER A 211 -6.16 -10.80 15.47
N ILE A 212 -6.93 -11.45 16.38
CA ILE A 212 -8.20 -12.05 15.90
C ILE A 212 -9.16 -10.91 15.43
N ASP A 213 -9.06 -9.72 16.06
CA ASP A 213 -9.92 -8.56 15.69
C ASP A 213 -9.49 -8.02 14.33
N VAL A 214 -8.18 -8.15 13.99
CA VAL A 214 -7.67 -7.68 12.70
C VAL A 214 -8.14 -8.62 11.59
N TRP A 215 -8.20 -9.94 11.87
CA TRP A 215 -8.80 -10.87 10.90
C TRP A 215 -10.26 -10.43 10.64
N SER A 216 -11.04 -10.21 11.72
CA SER A 216 -12.45 -9.81 11.62
C SER A 216 -12.61 -8.50 10.85
N ALA A 217 -11.69 -7.54 11.06
CA ALA A 217 -11.69 -6.24 10.36
C ALA A 217 -11.42 -6.49 8.87
N GLY A 218 -10.55 -7.45 8.54
CA GLY A 218 -10.29 -7.79 7.14
C GLY A 218 -11.52 -8.42 6.51
N CYS A 219 -12.32 -9.19 7.29
CA CYS A 219 -13.60 -9.76 6.79
C CYS A 219 -14.61 -8.67 6.49
N VAL A 220 -14.64 -7.63 7.33
CA VAL A 220 -15.57 -6.48 7.13
C VAL A 220 -15.14 -5.78 5.86
N LEU A 221 -13.84 -5.48 5.72
CA LEU A 221 -13.34 -4.83 4.50
C LEU A 221 -13.73 -5.60 3.25
N ALA A 222 -13.41 -6.89 3.18
CA ALA A 222 -13.77 -7.72 2.01
C ALA A 222 -15.29 -7.69 1.76
N GLU A 223 -16.09 -7.75 2.84
CA GLU A 223 -17.56 -7.72 2.72
C GLU A 223 -18.01 -6.38 2.12
N LEU A 224 -17.33 -5.29 2.47
CA LEU A 224 -17.65 -3.98 1.88
C LEU A 224 -17.30 -3.91 0.40
N LEU A 225 -16.29 -4.66 -0.03
CA LEU A 225 -15.85 -4.68 -1.44
C LEU A 225 -16.70 -5.63 -2.26
N LEU A 226 -17.16 -6.72 -1.66
CA LEU A 226 -17.95 -7.74 -2.36
C LEU A 226 -19.47 -7.48 -2.41
N GLY A 227 -20.01 -6.81 -1.40
CA GLY A 227 -21.45 -6.62 -1.24
C GLY A 227 -22.09 -7.80 -0.52
N GLN A 228 -21.27 -8.73 0.01
CA GLN A 228 -21.72 -9.91 0.76
C GLN A 228 -20.56 -10.46 1.61
N PRO A 229 -20.81 -11.22 2.72
CA PRO A 229 -19.66 -11.76 3.49
C PRO A 229 -18.71 -12.59 2.62
N ILE A 230 -17.42 -12.42 2.84
CA ILE A 230 -16.39 -13.18 2.10
C ILE A 230 -16.40 -14.66 2.49
N PHE A 231 -16.64 -14.99 3.78
CA PHE A 231 -16.58 -16.35 4.30
C PHE A 231 -17.89 -16.74 4.99
N PRO A 232 -18.98 -17.02 4.21
CA PRO A 232 -20.27 -17.30 4.86
C PRO A 232 -20.42 -18.77 5.29
N GLY A 233 -19.66 -19.21 6.29
CA GLY A 233 -19.76 -20.59 6.74
C GLY A 233 -21.14 -20.93 7.30
N ASP A 234 -21.66 -22.12 6.96
CA ASP A 234 -22.97 -22.58 7.45
C ASP A 234 -22.87 -23.34 8.79
N SER A 235 -21.62 -23.51 9.29
CA SER A 235 -21.24 -24.18 10.54
C SER A 235 -19.77 -23.89 10.82
N GLY A 236 -19.28 -24.34 11.98
CA GLY A 236 -17.88 -24.16 12.38
C GLY A 236 -16.89 -24.75 11.41
N VAL A 237 -17.18 -25.97 10.94
CA VAL A 237 -16.31 -26.65 9.96
C VAL A 237 -16.45 -25.98 8.59
N ASP A 238 -17.68 -25.63 8.21
CA ASP A 238 -17.95 -24.97 6.92
C ASP A 238 -17.29 -23.58 6.86
N GLN A 239 -17.06 -22.96 8.02
CA GLN A 239 -16.31 -21.69 8.11
C GLN A 239 -14.88 -21.89 7.61
N LEU A 240 -14.21 -22.99 8.03
CA LEU A 240 -12.87 -23.29 7.53
C LEU A 240 -12.90 -23.64 6.02
N VAL A 241 -13.94 -24.36 5.56
CA VAL A 241 -14.09 -24.69 4.13
C VAL A 241 -14.08 -23.37 3.35
N GLU A 242 -14.89 -22.37 3.79
CA GLU A 242 -14.99 -21.04 3.14
C GLU A 242 -13.62 -20.35 3.09
N ILE A 243 -12.84 -20.45 4.19
CA ILE A 243 -11.49 -19.84 4.25
C ILE A 243 -10.55 -20.51 3.26
N ILE A 244 -10.52 -21.85 3.25
CA ILE A 244 -9.66 -22.62 2.34
C ILE A 244 -9.94 -22.30 0.86
N LYS A 245 -11.20 -22.02 0.49
CA LYS A 245 -11.57 -21.67 -0.90
C LYS A 245 -10.80 -20.43 -1.35
N VAL A 246 -10.36 -19.60 -0.40
CA VAL A 246 -9.61 -18.38 -0.71
C VAL A 246 -8.12 -18.51 -0.38
N LEU A 247 -7.80 -18.86 0.86
CA LEU A 247 -6.43 -18.93 1.34
C LEU A 247 -5.74 -20.22 1.03
N GLY A 248 -6.49 -21.22 0.61
CA GLY A 248 -5.95 -22.56 0.39
C GLY A 248 -5.70 -23.18 1.77
N THR A 249 -4.98 -24.29 1.82
CA THR A 249 -4.68 -24.92 3.11
C THR A 249 -3.54 -24.21 3.83
N PRO A 250 -3.53 -24.18 5.18
CA PRO A 250 -2.37 -23.59 5.88
C PRO A 250 -1.18 -24.55 5.82
N THR A 251 0.04 -24.03 5.94
CA THR A 251 1.23 -24.89 5.94
C THR A 251 1.39 -25.40 7.36
N ARG A 252 2.29 -26.39 7.57
N ARG A 252 2.30 -26.37 7.57
CA ARG A 252 2.53 -26.92 8.92
CA ARG A 252 2.60 -26.94 8.88
C ARG A 252 2.97 -25.83 9.89
C ARG A 252 2.99 -25.85 9.88
N GLU A 253 3.79 -24.87 9.40
CA GLU A 253 4.26 -23.72 10.19
C GLU A 253 3.07 -22.77 10.55
N GLN A 254 2.15 -22.52 9.60
CA GLN A 254 0.97 -21.70 9.89
C GLN A 254 0.05 -22.38 10.91
N ILE A 255 -0.06 -23.72 10.85
CA ILE A 255 -0.90 -24.43 11.84
C ILE A 255 -0.29 -24.23 13.24
N ARG A 256 1.05 -24.37 13.35
CA ARG A 256 1.78 -24.19 14.62
C ARG A 256 1.57 -22.76 15.16
N GLU A 257 1.64 -21.74 14.28
CA GLU A 257 1.41 -20.32 14.62
C GLU A 257 -0.06 -20.06 15.06
N MET A 258 -1.01 -20.79 14.47
CA MET A 258 -2.42 -20.66 14.83
C MET A 258 -2.75 -21.36 16.17
N ASN A 259 -2.32 -22.63 16.32
CA ASN A 259 -2.58 -23.38 17.53
C ASN A 259 -1.49 -24.41 17.67
N PRO A 260 -0.48 -24.14 18.54
CA PRO A 260 0.63 -25.09 18.71
C PRO A 260 0.22 -26.43 19.33
N ASN A 261 -1.00 -26.49 19.89
CA ASN A 261 -1.57 -27.70 20.48
C ASN A 261 -2.28 -28.55 19.45
N TYR A 262 -2.49 -28.03 18.23
CA TYR A 262 -3.13 -28.79 17.17
C TYR A 262 -2.08 -29.37 16.21
N THR A 263 -2.21 -30.67 15.89
CA THR A 263 -1.33 -31.41 14.98
C THR A 263 -2.17 -32.15 13.94
N GLU A 264 -1.73 -32.13 12.67
CA GLU A 264 -2.36 -32.91 11.60
C GLU A 264 -1.23 -33.29 10.62
N PHE A 265 -0.71 -34.52 10.76
N PHE A 265 -0.72 -34.52 10.77
CA PHE A 265 0.40 -35.05 9.95
CA PHE A 265 0.39 -35.04 9.94
C PHE A 265 0.11 -35.07 8.45
C PHE A 265 0.11 -35.09 8.45
N LYS A 266 -1.09 -35.57 8.06
CA LYS A 266 -1.48 -35.70 6.66
C LYS A 266 -2.78 -34.97 6.31
N PHE A 267 -2.76 -34.24 5.18
CA PHE A 267 -3.92 -33.57 4.61
C PHE A 267 -3.59 -33.15 3.18
N PRO A 268 -4.59 -33.04 2.28
CA PRO A 268 -4.27 -32.63 0.90
C PRO A 268 -3.98 -31.13 0.85
N GLN A 269 -2.85 -30.76 0.22
CA GLN A 269 -2.43 -29.37 0.11
C GLN A 269 -3.25 -28.69 -1.00
N ILE A 270 -3.85 -27.53 -0.66
CA ILE A 270 -4.64 -26.70 -1.59
C ILE A 270 -4.00 -25.35 -1.68
N LYS A 271 -3.70 -24.91 -2.90
CA LYS A 271 -3.11 -23.60 -3.14
C LYS A 271 -4.15 -22.49 -2.93
N ALA A 272 -3.68 -21.30 -2.55
CA ALA A 272 -4.52 -20.12 -2.39
C ALA A 272 -5.08 -19.72 -3.73
N HIS A 273 -6.29 -19.14 -3.73
N HIS A 273 -6.30 -19.16 -3.74
CA HIS A 273 -6.92 -18.60 -4.93
CA HIS A 273 -6.84 -18.62 -4.99
C HIS A 273 -6.36 -17.15 -5.06
C HIS A 273 -6.33 -17.17 -5.06
N PRO A 274 -6.06 -16.63 -6.28
CA PRO A 274 -5.54 -15.25 -6.36
C PRO A 274 -6.53 -14.20 -5.85
N TRP A 275 -6.04 -13.31 -4.99
CA TRP A 275 -6.82 -12.24 -4.39
C TRP A 275 -7.52 -11.37 -5.41
N THR A 276 -6.86 -11.14 -6.57
CA THR A 276 -7.41 -10.30 -7.62
C THR A 276 -8.64 -10.90 -8.29
N LYS A 277 -8.86 -12.22 -8.13
CA LYS A 277 -10.02 -12.90 -8.69
C LYS A 277 -11.12 -13.15 -7.65
N VAL A 278 -10.79 -12.91 -6.38
CA VAL A 278 -11.77 -13.02 -5.28
C VAL A 278 -12.77 -11.87 -5.42
N PHE A 279 -12.26 -10.67 -5.78
CA PHE A 279 -13.05 -9.46 -5.92
C PHE A 279 -13.46 -9.17 -7.34
N ARG A 280 -14.50 -8.32 -7.53
CA ARG A 280 -14.97 -7.93 -8.84
C ARG A 280 -13.81 -7.18 -9.57
N PRO A 281 -13.74 -7.24 -10.92
CA PRO A 281 -12.61 -6.62 -11.62
C PRO A 281 -12.31 -5.15 -11.30
N ARG A 282 -13.36 -4.32 -11.15
N ARG A 282 -13.36 -4.32 -11.16
CA ARG A 282 -13.23 -2.89 -10.85
CA ARG A 282 -13.22 -2.89 -10.84
C ARG A 282 -12.88 -2.57 -9.36
C ARG A 282 -12.89 -2.57 -9.36
N THR A 283 -12.58 -3.59 -8.55
CA THR A 283 -12.22 -3.41 -7.13
C THR A 283 -10.89 -2.62 -7.01
N PRO A 284 -10.86 -1.51 -6.25
CA PRO A 284 -9.60 -0.73 -6.15
C PRO A 284 -8.43 -1.64 -5.75
N PRO A 285 -7.34 -1.71 -6.54
CA PRO A 285 -6.23 -2.64 -6.20
C PRO A 285 -5.62 -2.38 -4.82
N GLU A 286 -5.57 -1.10 -4.35
CA GLU A 286 -5.08 -0.85 -2.99
C GLU A 286 -5.95 -1.50 -1.91
N ALA A 287 -7.29 -1.58 -2.13
CA ALA A 287 -8.20 -2.25 -1.17
C ALA A 287 -7.90 -3.75 -1.12
N ILE A 288 -7.61 -4.37 -2.29
CA ILE A 288 -7.27 -5.82 -2.35
C ILE A 288 -5.94 -6.06 -1.64
N ALA A 289 -4.94 -5.18 -1.89
CA ALA A 289 -3.61 -5.28 -1.28
C ALA A 289 -3.77 -5.22 0.22
N LEU A 290 -4.54 -4.26 0.73
CA LEU A 290 -4.72 -4.15 2.18
C LEU A 290 -5.34 -5.43 2.74
N CYS A 291 -6.40 -5.90 2.08
CA CYS A 291 -7.11 -7.09 2.51
C CYS A 291 -6.18 -8.34 2.58
N SER A 292 -5.21 -8.47 1.62
CA SER A 292 -4.27 -9.59 1.59
C SER A 292 -3.33 -9.56 2.81
N ARG A 293 -3.20 -8.40 3.47
CA ARG A 293 -2.32 -8.25 4.65
C ARG A 293 -3.08 -8.38 5.98
N LEU A 294 -4.40 -8.58 5.90
CA LEU A 294 -5.24 -8.73 7.07
C LEU A 294 -5.72 -10.16 7.14
N LEU A 295 -6.10 -10.74 5.98
CA LEU A 295 -6.64 -12.10 5.97
C LEU A 295 -5.53 -13.08 5.71
N GLU A 296 -4.68 -13.29 6.72
CA GLU A 296 -3.49 -14.16 6.70
C GLU A 296 -3.70 -15.21 7.77
N TYR A 297 -3.32 -16.45 7.50
CA TYR A 297 -3.41 -17.53 8.49
C TYR A 297 -2.50 -17.20 9.67
N THR A 298 -1.23 -16.78 9.39
CA THR A 298 -0.28 -16.50 10.48
C THR A 298 -0.74 -15.27 11.28
N PRO A 299 -1.18 -15.44 12.56
CA PRO A 299 -1.71 -14.28 13.30
C PRO A 299 -0.75 -13.12 13.41
N THR A 300 0.54 -13.40 13.64
CA THR A 300 1.59 -12.38 13.78
C THR A 300 1.93 -11.69 12.45
N ALA A 301 1.51 -12.23 11.28
CA ALA A 301 1.80 -11.63 9.96
C ALA A 301 0.79 -10.57 9.60
N ARG A 302 -0.38 -10.56 10.28
CA ARG A 302 -1.43 -9.58 10.03
C ARG A 302 -0.97 -8.21 10.44
N LEU A 303 -1.38 -7.19 9.71
CA LEU A 303 -1.01 -5.81 10.07
C LEU A 303 -1.56 -5.49 11.45
N THR A 304 -0.86 -4.63 12.19
CA THR A 304 -1.43 -4.15 13.45
C THR A 304 -2.44 -3.05 13.03
N PRO A 305 -3.46 -2.71 13.86
CA PRO A 305 -4.40 -1.64 13.47
C PRO A 305 -3.72 -0.30 13.12
N LEU A 306 -2.67 0.10 13.87
CA LEU A 306 -1.96 1.36 13.58
C LEU A 306 -1.23 1.29 12.24
N GLU A 307 -0.66 0.11 11.92
CA GLU A 307 0.00 -0.12 10.61
C GLU A 307 -1.04 -0.07 9.53
N ALA A 308 -2.27 -0.59 9.79
CA ALA A 308 -3.34 -0.56 8.79
C ALA A 308 -3.83 0.88 8.52
N CYS A 309 -3.93 1.74 9.55
CA CYS A 309 -4.27 3.17 9.39
C CYS A 309 -3.31 3.88 8.44
N ALA A 310 -1.99 3.55 8.53
CA ALA A 310 -0.92 4.16 7.74
C ALA A 310 -0.80 3.56 6.33
N HIS A 311 -1.62 2.57 6.02
CA HIS A 311 -1.60 1.92 4.70
C HIS A 311 -1.96 2.92 3.58
N SER A 312 -1.35 2.76 2.39
CA SER A 312 -1.58 3.68 1.26
C SER A 312 -3.02 3.70 0.75
N PHE A 313 -3.84 2.68 1.08
CA PHE A 313 -5.27 2.68 0.74
C PHE A 313 -5.99 3.90 1.41
N PHE A 314 -5.50 4.35 2.56
CA PHE A 314 -6.08 5.47 3.28
C PHE A 314 -5.47 6.82 2.90
N ASP A 315 -4.63 6.88 1.83
CA ASP A 315 -3.98 8.13 1.40
C ASP A 315 -4.94 9.24 1.05
N GLU A 316 -6.11 8.90 0.46
CA GLU A 316 -7.12 9.92 0.09
C GLU A 316 -7.64 10.64 1.35
N LEU A 317 -7.75 9.92 2.49
CA LEU A 317 -8.21 10.51 3.74
C LEU A 317 -7.27 11.58 4.29
N ARG A 318 -5.97 11.49 3.95
CA ARG A 318 -4.92 12.42 4.38
C ARG A 318 -4.75 13.62 3.42
N ASP A 319 -5.53 13.67 2.33
CA ASP A 319 -5.52 14.75 1.34
C ASP A 319 -6.27 15.93 1.97
N PRO A 320 -5.70 17.17 1.96
CA PRO A 320 -6.40 18.31 2.58
C PRO A 320 -7.74 18.70 1.92
N ASN A 321 -7.91 18.40 0.63
CA ASN A 321 -9.10 18.76 -0.13
C ASN A 321 -10.20 17.69 -0.12
N VAL A 322 -10.05 16.66 0.72
CA VAL A 322 -11.00 15.55 0.81
C VAL A 322 -12.33 16.01 1.43
N LYS A 323 -13.43 15.49 0.90
CA LYS A 323 -14.78 15.80 1.36
C LYS A 323 -15.64 14.55 1.26
N LEU A 324 -16.78 14.53 1.95
CA LEU A 324 -17.78 13.47 1.83
C LEU A 324 -18.54 13.68 0.49
N PRO A 325 -19.19 12.66 -0.11
CA PRO A 325 -19.98 12.90 -1.34
C PRO A 325 -21.13 13.88 -1.13
N ASN A 326 -21.60 14.06 0.12
CA ASN A 326 -22.65 15.03 0.44
C ASN A 326 -22.11 16.48 0.52
N GLY A 327 -20.79 16.63 0.40
CA GLY A 327 -20.09 17.90 0.43
C GLY A 327 -19.55 18.32 1.77
N ARG A 328 -20.01 17.70 2.87
CA ARG A 328 -19.55 17.99 4.24
C ARG A 328 -18.08 17.61 4.39
N ASP A 329 -17.42 18.14 5.43
CA ASP A 329 -16.03 17.80 5.72
C ASP A 329 -16.01 16.42 6.32
N THR A 330 -14.85 15.77 6.25
CA THR A 330 -14.71 14.44 6.82
C THR A 330 -14.77 14.57 8.36
N PRO A 331 -15.13 13.50 9.09
CA PRO A 331 -15.06 13.57 10.56
C PRO A 331 -13.60 13.67 11.02
N ALA A 332 -13.38 13.77 12.34
CA ALA A 332 -12.05 13.83 12.96
C ALA A 332 -11.31 12.52 12.65
N LEU A 333 -10.13 12.65 12.02
CA LEU A 333 -9.31 11.51 11.58
C LEU A 333 -7.93 11.50 12.18
N PHE A 334 -7.43 12.68 12.61
CA PHE A 334 -6.04 12.85 13.04
C PHE A 334 -5.78 13.18 14.52
N ASN A 335 -6.83 13.19 15.37
CA ASN A 335 -6.74 13.55 16.80
C ASN A 335 -6.18 12.37 17.62
N PHE A 336 -4.99 11.89 17.24
CA PHE A 336 -4.34 10.73 17.88
C PHE A 336 -3.81 11.07 19.28
N THR A 337 -3.91 10.13 20.23
CA THR A 337 -3.37 10.33 21.59
C THR A 337 -2.18 9.39 21.76
N THR A 338 -1.35 9.64 22.81
CA THR A 338 -0.19 8.84 23.16
C THR A 338 -0.61 7.37 23.34
N GLN A 339 -1.77 7.14 23.99
CA GLN A 339 -2.31 5.80 24.23
C GLN A 339 -2.51 5.06 22.90
N GLU A 340 -3.19 5.70 21.96
CA GLU A 340 -3.51 5.14 20.65
C GLU A 340 -2.28 4.86 19.78
N LEU A 341 -1.24 5.71 19.93
CA LEU A 341 0.00 5.60 19.18
C LEU A 341 1.06 4.72 19.86
N SER A 342 0.79 4.22 21.08
CA SER A 342 1.75 3.45 21.89
C SER A 342 2.45 2.24 21.26
N SER A 343 1.78 1.52 20.32
CA SER A 343 2.41 0.37 19.65
C SER A 343 3.58 0.78 18.75
N ASN A 344 3.57 2.03 18.26
CA ASN A 344 4.60 2.56 17.35
C ASN A 344 4.54 4.09 17.37
N PRO A 345 5.04 4.76 18.45
CA PRO A 345 4.95 6.23 18.52
C PRO A 345 5.52 7.00 17.32
N PRO A 346 6.69 6.65 16.71
CA PRO A 346 7.16 7.44 15.55
C PRO A 346 6.20 7.48 14.35
N LEU A 347 5.28 6.49 14.21
CA LEU A 347 4.28 6.46 13.12
C LEU A 347 3.38 7.73 13.07
N ALA A 348 3.24 8.47 14.22
CA ALA A 348 2.47 9.71 14.35
C ALA A 348 2.73 10.71 13.25
N THR A 349 4.00 10.87 12.84
CA THR A 349 4.39 11.84 11.81
C THR A 349 3.88 11.49 10.40
N ILE A 350 3.51 10.22 10.16
CA ILE A 350 2.94 9.70 8.90
C ILE A 350 1.40 9.75 8.96
N LEU A 351 0.85 9.42 10.13
CA LEU A 351 -0.60 9.39 10.34
C LEU A 351 -1.20 10.79 10.44
N ILE A 352 -0.43 11.73 10.97
CA ILE A 352 -0.89 13.11 11.12
C ILE A 352 -0.28 13.95 10.01
N PRO A 353 -1.04 14.23 8.93
CA PRO A 353 -0.48 15.00 7.82
C PRO A 353 -0.18 16.46 8.17
N PRO A 354 0.76 17.13 7.45
CA PRO A 354 1.08 18.54 7.79
C PRO A 354 -0.12 19.46 7.98
N HIS A 355 -1.15 19.35 7.12
CA HIS A 355 -2.36 20.19 7.22
C HIS A 355 -3.21 19.96 8.50
N ALA A 356 -2.96 18.85 9.21
CA ALA A 356 -3.68 18.46 10.42
C ALA A 356 -2.99 18.88 11.72
N ARG A 357 -1.67 19.13 11.66
CA ARG A 357 -0.86 19.53 12.82
C ARG A 357 -1.24 20.93 13.30
N ILE A 358 -1.04 21.22 14.61
CA ILE A 358 -1.31 22.52 15.22
C ILE A 358 -0.35 23.61 14.71
N GLY B 8 51.76 -7.88 -20.33
CA GLY B 8 52.24 -6.64 -20.92
C GLY B 8 51.37 -6.12 -22.05
N SER B 9 50.05 -6.02 -21.79
CA SER B 9 49.07 -5.51 -22.76
C SER B 9 49.26 -4.01 -22.97
N LYS B 10 48.89 -3.52 -24.17
CA LYS B 10 48.97 -2.12 -24.60
C LYS B 10 48.31 -1.21 -23.55
N VAL B 11 49.09 -0.29 -22.97
CA VAL B 11 48.63 0.65 -21.94
C VAL B 11 48.27 2.00 -22.57
N THR B 12 47.11 2.55 -22.20
CA THR B 12 46.66 3.87 -22.62
C THR B 12 46.81 4.82 -21.42
N THR B 13 47.45 5.96 -21.64
CA THR B 13 47.64 6.93 -20.57
C THR B 13 47.06 8.27 -21.00
N VAL B 14 46.18 8.80 -20.17
CA VAL B 14 45.56 10.10 -20.43
C VAL B 14 45.70 10.97 -19.20
N VAL B 15 45.49 12.27 -19.37
CA VAL B 15 45.43 13.20 -18.26
C VAL B 15 43.93 13.41 -18.07
N ALA B 16 43.41 13.00 -16.91
CA ALA B 16 41.99 13.08 -16.61
C ALA B 16 41.72 13.78 -15.30
N THR B 17 40.48 14.30 -15.13
CA THR B 17 40.04 15.00 -13.94
C THR B 17 39.11 14.10 -13.11
N PRO B 18 39.27 14.05 -11.76
CA PRO B 18 38.35 13.24 -10.94
C PRO B 18 36.90 13.71 -11.07
N GLY B 19 35.98 12.75 -11.14
CA GLY B 19 34.55 13.02 -11.30
C GLY B 19 33.92 13.82 -10.19
N GLN B 20 34.15 13.40 -8.94
CA GLN B 20 33.62 14.06 -7.76
C GLN B 20 34.78 14.19 -6.77
N GLY B 21 35.38 15.37 -6.76
CA GLY B 21 36.51 15.68 -5.90
C GLY B 21 37.16 16.99 -6.31
N PRO B 22 38.51 17.07 -6.37
CA PRO B 22 39.14 18.33 -6.79
C PRO B 22 39.23 18.44 -8.32
N ASP B 23 39.25 19.66 -8.84
CA ASP B 23 39.38 19.89 -10.28
C ASP B 23 40.84 19.67 -10.78
N ARG B 24 41.72 19.13 -9.89
CA ARG B 24 43.15 18.86 -10.14
C ARG B 24 43.32 17.63 -11.05
N PRO B 25 43.83 17.80 -12.28
CA PRO B 25 43.98 16.63 -13.17
C PRO B 25 45.10 15.68 -12.72
N GLN B 26 45.09 14.46 -13.25
CA GLN B 26 46.09 13.45 -12.95
C GLN B 26 46.20 12.47 -14.11
N GLU B 27 47.35 11.76 -14.20
CA GLU B 27 47.54 10.72 -15.20
C GLU B 27 46.69 9.52 -14.80
N VAL B 28 45.96 8.95 -15.76
CA VAL B 28 45.13 7.77 -15.56
C VAL B 28 45.56 6.77 -16.62
N SER B 29 45.95 5.57 -16.17
CA SER B 29 46.37 4.53 -17.08
C SER B 29 45.36 3.38 -17.09
N TYR B 30 45.07 2.85 -18.30
CA TYR B 30 44.15 1.72 -18.48
C TYR B 30 44.54 0.80 -19.63
N THR B 31 44.06 -0.47 -19.57
CA THR B 31 44.34 -1.52 -20.56
C THR B 31 43.06 -2.28 -20.89
N ASP B 32 43.19 -3.31 -21.77
CA ASP B 32 42.17 -4.26 -22.20
C ASP B 32 40.90 -3.58 -22.71
N THR B 33 41.06 -2.47 -23.47
CA THR B 33 39.96 -1.69 -24.02
C THR B 33 39.17 -2.48 -25.06
N LYS B 34 37.86 -2.48 -24.92
CA LYS B 34 36.95 -3.16 -25.85
C LYS B 34 35.60 -2.48 -25.92
N VAL B 35 35.00 -2.45 -27.12
CA VAL B 35 33.68 -1.85 -27.38
C VAL B 35 32.61 -2.73 -26.77
N ILE B 36 31.75 -2.13 -25.93
CA ILE B 36 30.64 -2.83 -25.29
C ILE B 36 29.27 -2.24 -25.68
N GLY B 37 29.29 -1.08 -26.35
CA GLY B 37 28.09 -0.40 -26.79
C GLY B 37 28.35 0.69 -27.81
N ASN B 38 27.42 0.84 -28.76
CA ASN B 38 27.47 1.79 -29.86
C ASN B 38 26.06 2.29 -30.13
N GLY B 39 25.94 3.55 -30.49
CA GLY B 39 24.67 4.18 -30.85
C GLY B 39 24.87 5.58 -31.34
N SER B 40 23.76 6.31 -31.58
CA SER B 40 23.81 7.70 -32.06
C SER B 40 24.52 8.64 -31.07
N PHE B 41 24.48 8.31 -29.76
CA PHE B 41 25.13 9.09 -28.69
C PHE B 41 26.66 9.09 -28.80
N GLY B 42 27.21 7.94 -29.23
CA GLY B 42 28.65 7.71 -29.32
C GLY B 42 29.02 6.25 -29.05
N VAL B 43 30.14 6.03 -28.36
CA VAL B 43 30.69 4.67 -28.10
C VAL B 43 30.91 4.43 -26.60
N VAL B 44 30.71 3.19 -26.13
CA VAL B 44 31.00 2.80 -24.75
C VAL B 44 32.02 1.68 -24.82
N TYR B 45 33.10 1.82 -24.06
CA TYR B 45 34.20 0.85 -23.99
C TYR B 45 34.28 0.27 -22.59
N GLN B 46 34.84 -0.93 -22.47
CA GLN B 46 35.18 -1.52 -21.19
C GLN B 46 36.71 -1.38 -21.16
N ALA B 47 37.27 -1.07 -20.00
CA ALA B 47 38.71 -1.01 -19.83
C ALA B 47 39.06 -1.39 -18.40
N LYS B 48 40.33 -1.71 -18.13
CA LYS B 48 40.78 -2.06 -16.79
C LYS B 48 41.78 -1.01 -16.35
N LEU B 49 41.56 -0.40 -15.18
CA LEU B 49 42.44 0.62 -14.58
C LEU B 49 43.73 -0.05 -14.11
N CYS B 50 44.90 0.53 -14.47
CA CYS B 50 46.21 -0.03 -14.09
C CYS B 50 46.52 -0.05 -12.60
N ASP B 51 46.12 1.03 -11.87
CA ASP B 51 46.37 1.20 -10.44
C ASP B 51 45.71 0.12 -9.59
N SER B 52 44.38 -0.05 -9.74
CA SER B 52 43.58 -0.96 -8.94
C SER B 52 43.19 -2.30 -9.58
N GLY B 53 43.24 -2.39 -10.91
CA GLY B 53 42.80 -3.57 -11.66
C GLY B 53 41.29 -3.60 -11.79
N GLU B 54 40.62 -2.50 -11.38
CA GLU B 54 39.18 -2.33 -11.41
C GLU B 54 38.68 -2.04 -12.81
N LEU B 55 37.56 -2.67 -13.18
CA LEU B 55 36.95 -2.50 -14.49
C LEU B 55 36.17 -1.21 -14.52
N VAL B 56 36.25 -0.52 -15.65
CA VAL B 56 35.52 0.72 -15.90
C VAL B 56 34.80 0.68 -17.23
N ALA B 57 33.80 1.55 -17.40
CA ALA B 57 33.14 1.76 -18.68
C ALA B 57 33.54 3.16 -19.10
N ILE B 58 33.99 3.32 -20.36
CA ILE B 58 34.36 4.63 -20.89
C ILE B 58 33.35 5.02 -21.94
N LYS B 59 32.52 6.02 -21.64
CA LYS B 59 31.51 6.55 -22.57
C LYS B 59 32.18 7.69 -23.32
N LYS B 60 32.29 7.57 -24.65
CA LYS B 60 32.95 8.55 -25.51
C LYS B 60 31.93 9.24 -26.41
N VAL B 61 31.72 10.56 -26.19
CA VAL B 61 30.75 11.35 -26.97
C VAL B 61 31.41 12.53 -27.68
N LEU B 62 30.92 12.85 -28.88
CA LEU B 62 31.40 13.99 -29.65
C LEU B 62 30.93 15.27 -28.94
N GLN B 63 31.86 16.21 -28.75
CA GLN B 63 31.63 17.47 -28.06
C GLN B 63 32.29 18.60 -28.82
N LYS B 68 29.85 23.17 -23.45
CA LYS B 68 29.43 22.84 -22.09
C LYS B 68 28.49 21.63 -22.08
N ASN B 69 28.97 20.50 -21.55
CA ASN B 69 28.22 19.26 -21.53
C ASN B 69 27.32 19.12 -20.29
N ARG B 70 26.00 18.98 -20.54
CA ARG B 70 24.98 18.84 -19.51
C ARG B 70 25.19 17.56 -18.71
N GLU B 71 25.47 16.45 -19.43
CA GLU B 71 25.66 15.16 -18.79
C GLU B 71 26.79 15.20 -17.79
N LEU B 72 27.94 15.83 -18.17
CA LEU B 72 29.07 15.94 -17.27
C LEU B 72 28.76 16.75 -16.01
N GLN B 73 28.12 17.93 -16.17
N GLN B 73 28.14 17.94 -16.16
CA GLN B 73 27.77 18.83 -15.05
CA GLN B 73 27.78 18.83 -15.06
C GLN B 73 26.81 18.19 -14.05
C GLN B 73 26.91 18.08 -14.04
N ILE B 74 25.94 17.30 -14.53
CA ILE B 74 25.04 16.53 -13.65
C ILE B 74 25.86 15.46 -12.96
N MET B 75 26.62 14.66 -13.72
CA MET B 75 27.40 13.54 -13.17
C MET B 75 28.44 13.95 -12.13
N ARG B 76 29.01 15.17 -12.23
CA ARG B 76 29.97 15.63 -11.20
C ARG B 76 29.32 15.88 -9.82
N LYS B 77 27.99 16.06 -9.78
CA LYS B 77 27.25 16.34 -8.54
C LYS B 77 26.81 15.08 -7.80
N LEU B 78 26.73 13.94 -8.50
CA LEU B 78 26.17 12.72 -7.94
C LEU B 78 27.14 11.77 -7.27
N ASP B 79 26.74 11.27 -6.09
CA ASP B 79 27.49 10.31 -5.28
C ASP B 79 26.46 9.44 -4.52
N HIS B 80 26.03 8.34 -5.16
CA HIS B 80 25.00 7.48 -4.54
C HIS B 80 25.22 6.02 -4.92
N CYS B 81 24.97 5.12 -3.98
CA CYS B 81 25.14 3.66 -4.15
C CYS B 81 24.29 3.07 -5.32
N ASN B 82 23.18 3.72 -5.71
CA ASN B 82 22.31 3.26 -6.81
C ASN B 82 22.47 4.05 -8.11
N ILE B 83 23.61 4.73 -8.27
CA ILE B 83 23.92 5.47 -9.49
C ILE B 83 25.36 5.17 -9.89
N VAL B 84 25.59 4.84 -11.19
CA VAL B 84 26.91 4.59 -11.76
C VAL B 84 27.77 5.84 -11.49
N ARG B 85 28.84 5.67 -10.75
CA ARG B 85 29.72 6.75 -10.34
C ARG B 85 30.63 7.21 -11.49
N LEU B 86 30.81 8.51 -11.60
CA LEU B 86 31.75 9.08 -12.56
C LEU B 86 33.11 9.13 -11.84
N ARG B 87 34.06 8.25 -12.24
CA ARG B 87 35.39 8.23 -11.62
C ARG B 87 36.26 9.34 -12.15
N TYR B 88 36.33 9.50 -13.48
CA TYR B 88 37.12 10.55 -14.13
C TYR B 88 36.43 11.00 -15.39
N PHE B 89 36.90 12.13 -15.95
CA PHE B 89 36.47 12.59 -17.26
C PHE B 89 37.65 13.17 -17.94
N PHE B 90 37.75 12.96 -19.25
CA PHE B 90 38.83 13.49 -20.05
C PHE B 90 38.38 13.82 -21.44
N TYR B 91 39.01 14.83 -22.01
CA TYR B 91 38.71 15.22 -23.38
C TYR B 91 39.78 14.64 -24.25
N SER B 92 39.43 14.27 -25.48
CA SER B 92 40.39 13.73 -26.44
C SER B 92 40.13 14.33 -27.82
N SER B 93 41.14 14.32 -28.67
CA SER B 93 40.96 14.88 -30.00
C SER B 93 41.34 13.87 -31.06
N GLY B 94 40.44 13.67 -32.03
CA GLY B 94 40.64 12.76 -33.16
C GLY B 94 41.67 13.28 -34.15
N GLU B 95 41.82 12.57 -35.29
CA GLU B 95 42.77 12.96 -36.34
C GLU B 95 42.36 14.24 -37.08
N LYS B 96 41.05 14.39 -37.36
CA LYS B 96 40.47 15.53 -38.08
C LYS B 96 40.52 16.85 -37.31
N LYS B 97 40.28 17.98 -38.02
CA LYS B 97 40.29 19.36 -37.51
C LYS B 97 39.31 19.58 -36.36
N ASP B 98 39.84 20.06 -35.21
CA ASP B 98 39.14 20.37 -33.95
C ASP B 98 38.01 19.41 -33.54
N GLU B 99 38.16 18.11 -33.88
CA GLU B 99 37.19 17.07 -33.53
C GLU B 99 37.47 16.68 -32.05
N VAL B 100 36.60 17.13 -31.12
CA VAL B 100 36.77 16.89 -29.68
C VAL B 100 35.76 15.89 -29.11
N TYR B 101 36.23 14.96 -28.28
CA TYR B 101 35.40 13.97 -27.60
C TYR B 101 35.52 14.12 -26.11
N LEU B 102 34.40 13.97 -25.42
CA LEU B 102 34.38 13.92 -23.97
C LEU B 102 34.30 12.43 -23.65
N ASN B 103 35.14 12.01 -22.70
CA ASN B 103 35.19 10.63 -22.26
C ASN B 103 34.85 10.59 -20.79
N LEU B 104 33.78 9.84 -20.44
CA LEU B 104 33.35 9.67 -19.06
C LEU B 104 33.78 8.31 -18.60
N VAL B 105 34.63 8.29 -17.57
CA VAL B 105 35.14 7.02 -17.01
C VAL B 105 34.25 6.69 -15.85
N LEU B 106 33.41 5.67 -16.06
CA LEU B 106 32.37 5.22 -15.11
C LEU B 106 32.72 3.89 -14.52
N ASP B 107 32.16 3.58 -13.33
CA ASP B 107 32.29 2.25 -12.75
C ASP B 107 31.62 1.25 -13.72
N TYR B 108 32.26 0.08 -13.94
CA TYR B 108 31.71 -0.94 -14.81
C TYR B 108 30.70 -1.78 -14.04
N VAL B 109 29.56 -2.07 -14.68
CA VAL B 109 28.49 -2.91 -14.15
C VAL B 109 28.20 -3.93 -15.28
N PRO B 110 28.29 -5.25 -15.02
CA PRO B 110 28.18 -6.23 -16.12
C PRO B 110 26.82 -6.46 -16.79
N GLU B 111 25.71 -6.24 -16.09
CA GLU B 111 24.38 -6.57 -16.59
C GLU B 111 23.40 -5.42 -16.61
N THR B 112 22.23 -5.63 -17.24
CA THR B 112 21.16 -4.62 -17.28
C THR B 112 19.85 -5.28 -16.86
N VAL B 113 18.83 -4.49 -16.45
CA VAL B 113 17.51 -5.03 -16.12
C VAL B 113 16.92 -5.59 -17.43
N TYR B 114 17.17 -4.87 -18.55
CA TYR B 114 16.71 -5.28 -19.88
C TYR B 114 17.13 -6.74 -20.23
N ARG B 115 18.42 -7.08 -20.07
CA ARG B 115 18.96 -8.42 -20.40
C ARG B 115 18.42 -9.48 -19.46
N VAL B 116 18.36 -9.17 -18.16
CA VAL B 116 17.85 -10.09 -17.14
C VAL B 116 16.35 -10.40 -17.42
N ALA B 117 15.53 -9.37 -17.73
CA ALA B 117 14.12 -9.55 -18.02
C ALA B 117 13.95 -10.33 -19.33
N ARG B 118 14.79 -10.05 -20.34
CA ARG B 118 14.77 -10.78 -21.60
C ARG B 118 15.12 -12.26 -21.35
N HIS B 119 16.10 -12.53 -20.45
CA HIS B 119 16.52 -13.90 -20.11
C HIS B 119 15.34 -14.70 -19.54
N TYR B 120 14.55 -14.11 -18.61
CA TYR B 120 13.37 -14.75 -18.03
C TYR B 120 12.24 -14.91 -19.04
N SER B 121 12.01 -13.86 -19.86
CA SER B 121 10.97 -13.85 -20.92
C SER B 121 11.23 -14.95 -21.96
N ARG B 122 12.51 -15.17 -22.34
CA ARG B 122 12.90 -16.23 -23.29
C ARG B 122 12.70 -17.63 -22.69
N ALA B 123 12.91 -17.76 -21.37
CA ALA B 123 12.77 -19.02 -20.64
C ALA B 123 11.29 -19.29 -20.30
N LYS B 124 10.38 -18.36 -20.69
CA LYS B 124 8.94 -18.43 -20.38
C LYS B 124 8.71 -18.54 -18.85
N GLN B 125 9.41 -17.69 -18.10
CA GLN B 125 9.33 -17.60 -16.64
C GLN B 125 9.14 -16.14 -16.28
N THR B 126 8.30 -15.86 -15.31
CA THR B 126 8.11 -14.49 -14.81
C THR B 126 9.26 -14.24 -13.82
N LEU B 127 9.88 -13.05 -13.87
CA LEU B 127 10.98 -12.68 -12.97
C LEU B 127 10.54 -12.89 -11.50
N PRO B 128 11.30 -13.61 -10.64
CA PRO B 128 10.86 -13.80 -9.24
C PRO B 128 10.55 -12.47 -8.60
N VAL B 129 9.42 -12.40 -7.87
CA VAL B 129 8.90 -11.16 -7.25
C VAL B 129 9.95 -10.49 -6.36
N ILE B 130 10.82 -11.27 -5.68
CA ILE B 130 11.89 -10.69 -4.85
C ILE B 130 12.81 -9.77 -5.67
N TYR B 131 13.14 -10.14 -6.93
CA TYR B 131 13.99 -9.31 -7.78
C TYR B 131 13.23 -8.08 -8.24
N VAL B 132 11.92 -8.21 -8.50
CA VAL B 132 11.11 -7.05 -8.92
C VAL B 132 11.13 -6.03 -7.75
N LYS B 133 10.91 -6.49 -6.51
CA LYS B 133 10.98 -5.62 -5.31
C LYS B 133 12.36 -4.97 -5.20
N LEU B 134 13.44 -5.77 -5.26
CA LEU B 134 14.84 -5.30 -5.12
C LEU B 134 15.19 -4.23 -6.16
N TYR B 135 14.92 -4.51 -7.43
CA TYR B 135 15.28 -3.61 -8.54
C TYR B 135 14.48 -2.35 -8.48
N MET B 136 13.14 -2.46 -8.29
CA MET B 136 12.29 -1.26 -8.26
C MET B 136 12.58 -0.39 -7.06
N TYR B 137 12.87 -0.99 -5.91
CA TYR B 137 13.16 -0.17 -4.72
C TYR B 137 14.42 0.66 -4.94
N GLN B 138 15.48 0.02 -5.49
CA GLN B 138 16.77 0.72 -5.73
C GLN B 138 16.60 1.78 -6.78
N LEU B 139 15.77 1.52 -7.81
CA LEU B 139 15.49 2.54 -8.81
C LEU B 139 14.78 3.75 -8.14
N PHE B 140 13.79 3.51 -7.26
CA PHE B 140 13.11 4.64 -6.60
C PHE B 140 14.07 5.40 -5.67
N ARG B 141 15.00 4.70 -5.03
CA ARG B 141 16.01 5.36 -4.20
C ARG B 141 16.90 6.26 -5.06
N SER B 142 17.37 5.77 -6.27
CA SER B 142 18.20 6.60 -7.14
C SER B 142 17.40 7.81 -7.62
N LEU B 143 16.10 7.65 -7.86
CA LEU B 143 15.28 8.78 -8.32
C LEU B 143 15.04 9.79 -7.22
N ALA B 144 14.82 9.33 -5.98
CA ALA B 144 14.64 10.27 -4.86
C ALA B 144 15.90 11.15 -4.77
N TYR B 145 17.08 10.52 -4.93
CA TYR B 145 18.38 11.21 -4.84
C TYR B 145 18.54 12.27 -5.93
N ILE B 146 18.42 11.87 -7.20
CA ILE B 146 18.60 12.85 -8.30
C ILE B 146 17.55 13.94 -8.28
N HIS B 147 16.28 13.58 -7.96
CA HIS B 147 15.20 14.58 -7.89
C HIS B 147 15.44 15.65 -6.80
N SER B 148 16.14 15.29 -5.70
CA SER B 148 16.46 16.21 -4.60
C SER B 148 17.38 17.35 -5.06
N PHE B 149 18.06 17.20 -6.22
CA PHE B 149 18.93 18.24 -6.80
C PHE B 149 18.17 18.97 -7.91
N GLY B 150 16.94 18.55 -8.16
CA GLY B 150 16.11 19.07 -9.23
C GLY B 150 16.43 18.43 -10.58
N ILE B 151 17.22 17.34 -10.58
CA ILE B 151 17.64 16.65 -11.79
C ILE B 151 16.60 15.62 -12.20
N CYS B 152 16.16 15.68 -13.44
CA CYS B 152 15.21 14.71 -13.98
C CYS B 152 16.00 13.86 -14.97
N HIS B 153 15.94 12.52 -14.87
CA HIS B 153 16.72 11.64 -15.73
C HIS B 153 16.24 11.71 -17.18
N ARG B 154 14.90 11.64 -17.39
CA ARG B 154 14.28 11.74 -18.72
C ARG B 154 14.55 10.57 -19.65
N ASP B 155 15.13 9.47 -19.17
CA ASP B 155 15.33 8.26 -20.02
C ASP B 155 15.36 7.00 -19.19
N ILE B 156 14.40 6.88 -18.27
CA ILE B 156 14.26 5.70 -17.43
C ILE B 156 13.65 4.59 -18.29
N LYS B 157 14.41 3.49 -18.39
CA LYS B 157 14.07 2.31 -19.18
C LYS B 157 14.95 1.16 -18.73
N PRO B 158 14.50 -0.12 -18.90
CA PRO B 158 15.31 -1.26 -18.45
C PRO B 158 16.77 -1.26 -18.89
N GLN B 159 17.07 -0.77 -20.11
CA GLN B 159 18.42 -0.71 -20.66
C GLN B 159 19.38 0.17 -19.84
N ASN B 160 18.84 1.20 -19.13
CA ASN B 160 19.58 2.17 -18.31
C ASN B 160 19.63 1.80 -16.85
N LEU B 161 19.21 0.58 -16.52
CA LEU B 161 19.25 0.13 -15.14
C LEU B 161 20.26 -0.99 -15.07
N LEU B 162 21.47 -0.66 -14.60
CA LEU B 162 22.54 -1.64 -14.57
C LEU B 162 22.47 -2.52 -13.34
N LEU B 163 22.84 -3.79 -13.49
CA LEU B 163 22.77 -4.75 -12.40
C LEU B 163 24.03 -5.53 -12.18
N ASP B 164 24.38 -5.77 -10.91
CA ASP B 164 25.46 -6.71 -10.59
C ASP B 164 24.69 -8.02 -10.34
N PRO B 165 24.86 -9.05 -11.20
CA PRO B 165 24.05 -10.29 -11.02
C PRO B 165 24.24 -11.06 -9.72
N ASP B 166 25.41 -10.95 -9.09
CA ASP B 166 25.71 -11.62 -7.83
C ASP B 166 25.10 -10.92 -6.61
N THR B 167 25.25 -9.59 -6.52
CA THR B 167 24.78 -8.83 -5.35
C THR B 167 23.38 -8.23 -5.47
N ALA B 168 22.80 -8.25 -6.68
CA ALA B 168 21.48 -7.65 -6.96
C ALA B 168 21.48 -6.10 -6.80
N VAL B 169 22.68 -5.47 -6.76
CA VAL B 169 22.82 -4.02 -6.71
C VAL B 169 22.38 -3.47 -8.03
N LEU B 170 21.47 -2.48 -8.01
CA LEU B 170 21.01 -1.81 -9.22
C LEU B 170 21.66 -0.43 -9.24
N LYS B 171 22.17 -0.02 -10.41
N LYS B 171 22.16 -0.02 -10.42
CA LYS B 171 22.76 1.31 -10.57
CA LYS B 171 22.74 1.31 -10.59
C LYS B 171 22.18 2.00 -11.81
C LYS B 171 22.16 1.99 -11.82
N LEU B 172 21.59 3.19 -11.64
CA LEU B 172 21.02 3.98 -12.73
C LEU B 172 22.20 4.55 -13.59
N CYS B 173 22.08 4.46 -14.92
CA CYS B 173 23.12 5.00 -15.80
C CYS B 173 22.53 5.87 -16.92
N ASP B 174 23.45 6.41 -17.75
CA ASP B 174 23.19 7.21 -18.93
C ASP B 174 22.36 8.44 -18.64
N PHE B 175 23.05 9.51 -18.25
CA PHE B 175 22.47 10.82 -17.95
C PHE B 175 22.51 11.72 -19.19
N GLY B 176 22.61 11.09 -20.35
CA GLY B 176 22.68 11.76 -21.66
C GLY B 176 21.45 12.55 -22.06
N SER B 177 20.29 12.25 -21.44
CA SER B 177 19.03 12.96 -21.68
C SER B 177 18.66 13.82 -20.46
N ALA B 178 19.40 13.69 -19.34
CA ALA B 178 19.08 14.35 -18.09
C ALA B 178 19.18 15.86 -18.11
N LYS B 179 18.40 16.50 -17.22
CA LYS B 179 18.40 17.96 -17.12
C LYS B 179 17.99 18.42 -15.73
N GLN B 180 18.59 19.51 -15.27
CA GLN B 180 18.21 20.13 -14.02
C GLN B 180 17.00 21.01 -14.33
N LEU B 181 15.80 20.57 -13.96
CA LEU B 181 14.57 21.33 -14.26
C LEU B 181 14.41 22.53 -13.37
N VAL B 182 14.02 23.66 -13.97
CA VAL B 182 13.81 24.92 -13.26
C VAL B 182 12.37 25.30 -13.54
N ARG B 183 11.56 25.47 -12.49
N ARG B 183 11.57 25.48 -12.49
CA ARG B 183 10.15 25.83 -12.64
CA ARG B 183 10.16 25.83 -12.65
C ARG B 183 10.02 27.16 -13.39
C ARG B 183 10.02 27.16 -13.39
N GLY B 184 9.22 27.15 -14.46
CA GLY B 184 9.01 28.32 -15.29
C GLY B 184 9.93 28.45 -16.49
N GLU B 185 10.88 27.51 -16.65
CA GLU B 185 11.78 27.49 -17.81
C GLU B 185 11.39 26.29 -18.66
N PRO B 186 11.02 26.48 -19.94
CA PRO B 186 10.53 25.33 -20.75
C PRO B 186 11.51 24.20 -21.03
N ASN B 187 10.97 22.99 -21.20
CA ASN B 187 11.73 21.77 -21.48
C ASN B 187 11.13 21.08 -22.69
N VAL B 188 11.97 20.41 -23.48
CA VAL B 188 11.56 19.66 -24.69
C VAL B 188 10.55 18.52 -24.36
N SER B 189 9.46 18.46 -25.15
CA SER B 189 8.42 17.43 -25.00
C SER B 189 8.85 16.08 -25.58
N PTR B 190 9.55 16.07 -26.72
CA PTR B 190 9.97 14.83 -27.37
C PTR B 190 11.22 14.33 -26.67
O PTR B 190 12.34 14.66 -27.05
CB PTR B 190 10.22 15.04 -28.89
CG PTR B 190 10.24 13.68 -29.57
CD1 PTR B 190 9.03 12.94 -29.71
CD2 PTR B 190 11.44 13.13 -30.09
CE1 PTR B 190 9.02 11.68 -30.35
CE2 PTR B 190 11.43 11.87 -30.74
CZ PTR B 190 10.22 11.13 -30.86
OH PTR B 190 10.19 9.97 -31.55
P PTR B 190 10.01 8.59 -30.87
O1P PTR B 190 11.04 8.43 -29.73
O2P PTR B 190 10.35 7.62 -32.03
O3P PTR B 190 8.54 8.35 -30.45
N ILE B 191 11.02 13.61 -25.58
CA ILE B 191 12.11 13.13 -24.74
C ILE B 191 11.63 11.78 -24.16
N CYS B 192 12.55 10.96 -23.58
N CYS B 192 12.59 10.98 -23.64
CA CYS B 192 12.30 9.59 -23.06
CA CYS B 192 12.36 9.67 -23.05
C CYS B 192 12.17 8.61 -24.22
C CYS B 192 12.08 8.60 -24.10
N SER B 193 12.47 7.33 -23.97
N SER B 193 12.45 7.35 -23.82
CA SER B 193 12.27 6.29 -24.96
CA SER B 193 12.19 6.24 -24.75
C SER B 193 10.77 5.99 -24.93
C SER B 193 10.66 6.11 -24.88
N ARG B 194 10.16 6.01 -26.13
CA ARG B 194 8.72 5.91 -26.42
C ARG B 194 7.84 5.09 -25.50
N TYR B 195 8.18 3.80 -25.27
CA TYR B 195 7.35 2.92 -24.45
C TYR B 195 7.21 3.42 -23.00
N TYR B 196 8.20 4.22 -22.55
CA TYR B 196 8.31 4.71 -21.15
C TYR B 196 8.00 6.20 -21.00
N ARG B 197 7.52 6.81 -22.07
CA ARG B 197 7.24 8.24 -22.17
C ARG B 197 5.94 8.61 -21.47
N ALA B 198 6.02 9.55 -20.49
CA ALA B 198 4.85 10.01 -19.74
C ALA B 198 3.79 10.66 -20.69
N PRO B 199 2.48 10.51 -20.39
CA PRO B 199 1.45 11.07 -21.27
C PRO B 199 1.49 12.59 -21.42
N GLU B 200 1.95 13.34 -20.38
CA GLU B 200 2.06 14.81 -20.47
C GLU B 200 3.07 15.22 -21.57
N LEU B 201 4.07 14.38 -21.83
CA LEU B 201 5.07 14.62 -22.89
C LEU B 201 4.46 14.38 -24.27
N ILE B 202 3.55 13.38 -24.38
CA ILE B 202 2.81 13.09 -25.62
C ILE B 202 1.89 14.27 -25.93
N PHE B 203 1.25 14.83 -24.89
CA PHE B 203 0.36 15.99 -24.97
C PHE B 203 1.15 17.30 -25.18
N GLY B 204 2.47 17.18 -25.33
CA GLY B 204 3.38 18.28 -25.64
C GLY B 204 3.66 19.24 -24.51
N ALA B 205 3.63 18.76 -23.26
CA ALA B 205 3.91 19.66 -22.14
C ALA B 205 5.38 20.08 -22.16
N THR B 206 5.65 21.33 -21.81
CA THR B 206 7.01 21.87 -21.72
C THR B 206 7.30 22.29 -20.26
N ASP B 207 6.28 22.25 -19.40
CA ASP B 207 6.35 22.64 -17.99
C ASP B 207 6.31 21.39 -17.08
N TYR B 208 6.70 20.22 -17.61
CA TYR B 208 6.66 18.99 -16.84
C TYR B 208 7.69 18.97 -15.71
N THR B 209 7.57 18.00 -14.82
CA THR B 209 8.44 17.90 -13.65
C THR B 209 9.12 16.56 -13.64
N SER B 210 9.89 16.28 -12.57
N SER B 210 9.89 16.28 -12.57
CA SER B 210 10.57 15.01 -12.36
CA SER B 210 10.58 15.01 -12.38
C SER B 210 9.61 13.82 -12.26
C SER B 210 9.61 13.81 -12.24
N SER B 211 8.30 14.06 -12.10
CA SER B 211 7.28 12.96 -12.04
C SER B 211 7.19 12.20 -13.39
N ILE B 212 7.82 12.71 -14.48
CA ILE B 212 7.86 11.94 -15.74
C ILE B 212 8.73 10.69 -15.50
N ASP B 213 9.75 10.77 -14.61
CA ASP B 213 10.61 9.59 -14.31
C ASP B 213 9.85 8.55 -13.50
N VAL B 214 8.87 8.98 -12.69
CA VAL B 214 8.04 8.08 -11.86
C VAL B 214 7.06 7.35 -12.79
N TRP B 215 6.54 8.05 -13.82
CA TRP B 215 5.70 7.35 -14.81
C TRP B 215 6.56 6.25 -15.45
N SER B 216 7.79 6.60 -15.93
CA SER B 216 8.67 5.62 -16.60
C SER B 216 9.00 4.44 -15.68
N ALA B 217 9.21 4.72 -14.37
CA ALA B 217 9.51 3.67 -13.38
C ALA B 217 8.27 2.76 -13.24
N GLY B 218 7.07 3.33 -13.33
CA GLY B 218 5.82 2.52 -13.33
C GLY B 218 5.74 1.61 -14.54
N CYS B 219 6.20 2.09 -15.73
CA CYS B 219 6.26 1.25 -16.95
C CYS B 219 7.24 0.10 -16.77
N VAL B 220 8.39 0.35 -16.09
CA VAL B 220 9.41 -0.69 -15.84
C VAL B 220 8.81 -1.72 -14.93
N LEU B 221 8.17 -1.27 -13.86
CA LEU B 221 7.54 -2.19 -12.91
C LEU B 221 6.52 -3.05 -13.65
N ALA B 222 5.59 -2.44 -14.41
CA ALA B 222 4.53 -3.19 -15.12
C ALA B 222 5.17 -4.21 -16.10
N GLU B 223 6.27 -3.82 -16.75
CA GLU B 223 7.00 -4.68 -17.68
C GLU B 223 7.59 -5.91 -16.97
N LEU B 224 8.15 -5.71 -15.77
CA LEU B 224 8.70 -6.83 -14.97
C LEU B 224 7.61 -7.79 -14.54
N LEU B 225 6.39 -7.29 -14.34
CA LEU B 225 5.25 -8.13 -13.94
C LEU B 225 4.63 -8.85 -15.14
N LEU B 226 4.59 -8.18 -16.29
CA LEU B 226 3.99 -8.72 -17.52
C LEU B 226 4.90 -9.60 -18.38
N GLY B 227 6.23 -9.35 -18.34
CA GLY B 227 7.18 -10.07 -19.18
C GLY B 227 7.36 -9.43 -20.55
N GLN B 228 6.76 -8.23 -20.71
CA GLN B 228 6.81 -7.45 -21.95
C GLN B 228 6.42 -5.99 -21.63
N PRO B 229 6.77 -4.99 -22.48
CA PRO B 229 6.36 -3.61 -22.16
C PRO B 229 4.85 -3.48 -22.07
N ILE B 230 4.40 -2.65 -21.11
CA ILE B 230 2.96 -2.46 -20.92
C ILE B 230 2.39 -1.63 -22.09
N PHE B 231 3.12 -0.61 -22.55
CA PHE B 231 2.65 0.30 -23.59
C PHE B 231 3.58 0.31 -24.80
N PRO B 232 3.48 -0.72 -25.67
CA PRO B 232 4.41 -0.80 -26.81
C PRO B 232 3.94 -0.02 -28.06
N GLY B 233 3.91 1.31 -27.99
CA GLY B 233 3.45 2.11 -29.11
C GLY B 233 4.37 2.09 -30.32
N ASP B 234 3.79 2.06 -31.53
CA ASP B 234 4.50 2.03 -32.82
C ASP B 234 4.90 3.43 -33.28
N SER B 235 4.31 4.47 -32.64
CA SER B 235 4.55 5.88 -32.93
C SER B 235 4.15 6.71 -31.70
N GLY B 236 4.32 8.03 -31.76
CA GLY B 236 3.91 8.93 -30.69
C GLY B 236 2.41 8.88 -30.46
N VAL B 237 1.64 8.87 -31.55
CA VAL B 237 0.18 8.77 -31.45
C VAL B 237 -0.22 7.37 -30.95
N ASP B 238 0.41 6.32 -31.49
CA ASP B 238 0.10 4.93 -31.06
C ASP B 238 0.47 4.70 -29.61
N GLN B 239 1.43 5.51 -29.09
CA GLN B 239 1.80 5.43 -27.69
C GLN B 239 0.63 5.83 -26.80
N LEU B 240 -0.09 6.92 -27.16
CA LEU B 240 -1.27 7.37 -26.41
C LEU B 240 -2.40 6.33 -26.57
N VAL B 241 -2.54 5.74 -27.76
CA VAL B 241 -3.54 4.68 -28.01
C VAL B 241 -3.30 3.55 -26.97
N GLU B 242 -2.03 3.11 -26.82
CA GLU B 242 -1.68 2.04 -25.86
C GLU B 242 -2.02 2.44 -24.44
N ILE B 243 -1.79 3.71 -24.09
CA ILE B 243 -2.10 4.20 -22.74
C ILE B 243 -3.61 4.22 -22.54
N ILE B 244 -4.37 4.71 -23.53
CA ILE B 244 -5.84 4.74 -23.43
C ILE B 244 -6.42 3.32 -23.25
N LYS B 245 -5.87 2.31 -23.93
CA LYS B 245 -6.34 0.92 -23.79
C LYS B 245 -6.31 0.46 -22.32
N VAL B 246 -5.49 1.10 -21.48
CA VAL B 246 -5.43 0.76 -20.06
C VAL B 246 -6.09 1.82 -19.15
N LEU B 247 -5.65 3.08 -19.25
CA LEU B 247 -6.11 4.17 -18.39
C LEU B 247 -7.43 4.77 -18.83
N GLY B 248 -7.87 4.43 -20.05
CA GLY B 248 -9.05 5.05 -20.64
C GLY B 248 -8.67 6.46 -21.07
N THR B 249 -9.64 7.28 -21.49
CA THR B 249 -9.33 8.66 -21.88
C THR B 249 -9.14 9.54 -20.62
N PRO B 250 -8.30 10.60 -20.68
CA PRO B 250 -8.19 11.49 -19.51
C PRO B 250 -9.43 12.38 -19.39
N THR B 251 -9.69 12.92 -18.18
CA THR B 251 -10.79 13.85 -17.97
C THR B 251 -10.25 15.23 -18.35
N ARG B 252 -11.15 16.25 -18.42
CA ARG B 252 -10.74 17.63 -18.70
C ARG B 252 -9.71 18.09 -17.64
N GLU B 253 -9.88 17.70 -16.37
CA GLU B 253 -8.96 18.05 -15.29
C GLU B 253 -7.59 17.39 -15.44
N GLN B 254 -7.54 16.08 -15.81
CA GLN B 254 -6.26 15.38 -16.02
C GLN B 254 -5.50 16.01 -17.19
N ILE B 255 -6.24 16.45 -18.24
CA ILE B 255 -5.63 17.10 -19.41
C ILE B 255 -4.94 18.39 -18.97
N ARG B 256 -5.66 19.23 -18.18
CA ARG B 256 -5.15 20.51 -17.67
C ARG B 256 -3.89 20.32 -16.83
N GLU B 257 -3.87 19.26 -16.05
CA GLU B 257 -2.75 18.88 -15.17
C GLU B 257 -1.56 18.41 -15.98
N MET B 258 -1.82 17.76 -17.14
CA MET B 258 -0.76 17.28 -18.03
C MET B 258 -0.19 18.40 -18.83
N ASN B 259 -1.05 19.19 -19.50
CA ASN B 259 -0.60 20.32 -20.31
C ASN B 259 -1.64 21.40 -20.30
N PRO B 260 -1.43 22.45 -19.47
CA PRO B 260 -2.42 23.54 -19.43
C PRO B 260 -2.55 24.32 -20.75
N ASN B 261 -1.64 24.09 -21.72
CA ASN B 261 -1.65 24.75 -23.03
C ASN B 261 -2.37 23.93 -24.09
N TYR B 262 -2.84 22.73 -23.70
CA TYR B 262 -3.62 21.85 -24.58
C TYR B 262 -5.07 21.84 -24.11
N THR B 263 -6.00 22.01 -25.04
CA THR B 263 -7.44 21.88 -24.79
C THR B 263 -8.09 21.11 -25.93
N GLU B 264 -8.97 20.17 -25.56
CA GLU B 264 -9.75 19.37 -26.48
C GLU B 264 -11.18 19.37 -25.95
N PHE B 265 -11.96 20.21 -26.58
N PHE B 265 -12.00 20.26 -26.52
CA PHE B 265 -13.39 20.50 -26.51
CA PHE B 265 -13.40 20.51 -26.15
C PHE B 265 -14.18 19.21 -26.38
C PHE B 265 -14.31 19.29 -26.26
N LYS B 266 -14.39 18.48 -27.50
N LYS B 266 -14.15 18.49 -27.32
CA LYS B 266 -15.12 17.22 -27.52
CA LYS B 266 -14.96 17.30 -27.57
C LYS B 266 -14.26 16.07 -28.05
C LYS B 266 -14.09 16.11 -27.98
N PHE B 267 -14.34 14.94 -27.38
CA PHE B 267 -13.64 13.70 -27.72
C PHE B 267 -14.46 12.52 -27.20
N PRO B 268 -14.42 11.33 -27.84
CA PRO B 268 -15.21 10.20 -27.31
C PRO B 268 -14.54 9.66 -26.05
N GLN B 269 -15.32 9.37 -25.00
CA GLN B 269 -14.79 8.88 -23.72
C GLN B 269 -14.60 7.37 -23.70
N ILE B 270 -13.43 6.90 -23.20
CA ILE B 270 -13.12 5.48 -23.06
C ILE B 270 -12.87 5.18 -21.59
N LYS B 271 -13.56 4.19 -21.04
N LYS B 271 -13.55 4.16 -21.05
CA LYS B 271 -13.38 3.81 -19.65
CA LYS B 271 -13.39 3.75 -19.65
C LYS B 271 -12.06 3.08 -19.43
C LYS B 271 -12.03 3.09 -19.44
N ALA B 272 -11.49 3.17 -18.21
CA ALA B 272 -10.22 2.54 -17.84
C ALA B 272 -10.42 1.02 -17.83
N HIS B 273 -9.39 0.27 -18.21
CA HIS B 273 -9.46 -1.19 -18.16
C HIS B 273 -9.08 -1.53 -16.70
N PRO B 274 -9.78 -2.47 -16.02
CA PRO B 274 -9.42 -2.78 -14.61
C PRO B 274 -7.96 -3.23 -14.47
N TRP B 275 -7.22 -2.64 -13.52
CA TRP B 275 -5.85 -3.00 -13.24
C TRP B 275 -5.63 -4.50 -12.97
N THR B 276 -6.58 -5.16 -12.30
CA THR B 276 -6.42 -6.60 -12.02
C THR B 276 -6.61 -7.48 -13.24
N LYS B 277 -7.12 -6.90 -14.35
CA LYS B 277 -7.25 -7.60 -15.63
C LYS B 277 -6.06 -7.27 -16.55
N VAL B 278 -5.32 -6.18 -16.27
CA VAL B 278 -4.13 -5.78 -17.03
C VAL B 278 -3.04 -6.82 -16.74
N PHE B 279 -2.90 -7.18 -15.46
CA PHE B 279 -1.93 -8.14 -15.00
C PHE B 279 -2.48 -9.55 -14.93
N ARG B 280 -1.59 -10.55 -14.77
CA ARG B 280 -2.00 -11.93 -14.73
C ARG B 280 -2.62 -12.24 -13.39
N PRO B 281 -3.51 -13.26 -13.32
CA PRO B 281 -4.12 -13.60 -12.02
C PRO B 281 -3.10 -13.80 -10.88
N ARG B 282 -1.92 -14.38 -11.13
CA ARG B 282 -0.93 -14.61 -10.06
C ARG B 282 -0.08 -13.40 -9.70
N THR B 283 -0.31 -12.24 -10.32
CA THR B 283 0.46 -11.04 -10.01
C THR B 283 0.17 -10.61 -8.54
N PRO B 284 1.19 -10.38 -7.69
CA PRO B 284 0.91 -9.98 -6.29
C PRO B 284 0.05 -8.72 -6.23
N PRO B 285 -1.05 -8.70 -5.42
CA PRO B 285 -1.93 -7.50 -5.42
C PRO B 285 -1.19 -6.24 -5.00
N GLU B 286 -0.14 -6.35 -4.16
CA GLU B 286 0.63 -5.14 -3.78
C GLU B 286 1.39 -4.55 -4.96
N ALA B 287 1.87 -5.39 -5.89
CA ALA B 287 2.58 -4.89 -7.10
C ALA B 287 1.59 -4.12 -7.96
N ILE B 288 0.38 -4.67 -8.13
CA ILE B 288 -0.67 -4.01 -8.94
C ILE B 288 -1.04 -2.67 -8.30
N ALA B 289 -1.26 -2.66 -6.95
CA ALA B 289 -1.60 -1.43 -6.23
C ALA B 289 -0.52 -0.39 -6.43
N LEU B 290 0.77 -0.78 -6.27
CA LEU B 290 1.86 0.17 -6.47
C LEU B 290 1.80 0.74 -7.91
N CYS B 291 1.72 -0.15 -8.91
CA CYS B 291 1.65 0.28 -10.30
C CYS B 291 0.53 1.30 -10.55
N SER B 292 -0.65 1.08 -9.91
CA SER B 292 -1.81 1.97 -10.07
C SER B 292 -1.55 3.39 -9.51
N ARG B 293 -0.59 3.53 -8.58
CA ARG B 293 -0.23 4.82 -7.98
C ARG B 293 0.92 5.49 -8.75
N LEU B 294 1.47 4.81 -9.77
CA LEU B 294 2.57 5.35 -10.57
C LEU B 294 2.07 5.73 -11.96
N LEU B 295 1.25 4.88 -12.56
CA LEU B 295 0.73 5.07 -13.91
C LEU B 295 -0.59 5.81 -13.86
N GLU B 296 -0.50 7.11 -13.50
CA GLU B 296 -1.62 8.02 -13.36
C GLU B 296 -1.45 9.15 -14.38
N TYR B 297 -2.54 9.59 -15.00
CA TYR B 297 -2.46 10.74 -15.91
C TYR B 297 -1.99 12.00 -15.19
N THR B 298 -2.60 12.32 -14.03
CA THR B 298 -2.25 13.52 -13.24
C THR B 298 -0.83 13.38 -12.69
N PRO B 299 0.11 14.20 -13.17
CA PRO B 299 1.52 14.05 -12.74
C PRO B 299 1.71 14.17 -11.23
N THR B 300 0.99 15.12 -10.60
CA THR B 300 1.08 15.37 -9.15
C THR B 300 0.41 14.26 -8.33
N ALA B 301 -0.46 13.43 -8.94
CA ALA B 301 -1.11 12.32 -8.22
C ALA B 301 -0.17 11.10 -8.05
N ARG B 302 0.90 10.99 -8.87
CA ARG B 302 1.87 9.88 -8.82
C ARG B 302 2.64 9.92 -7.52
N LEU B 303 3.00 8.76 -6.97
CA LEU B 303 3.80 8.77 -5.76
C LEU B 303 5.13 9.44 -6.02
N THR B 304 5.68 10.07 -5.02
CA THR B 304 7.04 10.58 -5.12
C THR B 304 7.93 9.31 -4.96
N PRO B 305 9.22 9.35 -5.41
CA PRO B 305 10.10 8.17 -5.26
C PRO B 305 10.25 7.67 -3.81
N LEU B 306 10.36 8.57 -2.82
CA LEU B 306 10.46 8.17 -1.40
C LEU B 306 9.18 7.53 -0.92
N GLU B 307 8.02 8.05 -1.37
CA GLU B 307 6.72 7.42 -1.03
C GLU B 307 6.62 6.04 -1.63
N ALA B 308 7.14 5.85 -2.86
CA ALA B 308 7.12 4.53 -3.49
C ALA B 308 7.99 3.54 -2.69
N CYS B 309 9.20 3.96 -2.28
CA CYS B 309 10.10 3.15 -1.43
C CYS B 309 9.38 2.64 -0.18
N ALA B 310 8.54 3.50 0.41
CA ALA B 310 7.80 3.20 1.66
C ALA B 310 6.50 2.39 1.42
N HIS B 311 6.17 2.06 0.16
CA HIS B 311 4.95 1.30 -0.18
C HIS B 311 5.02 -0.13 0.40
N SER B 312 3.86 -0.71 0.75
CA SER B 312 3.81 -2.06 1.31
C SER B 312 4.38 -3.14 0.35
N PHE B 313 4.45 -2.87 -0.97
CA PHE B 313 5.07 -3.83 -1.92
C PHE B 313 6.51 -4.18 -1.51
N PHE B 314 7.24 -3.20 -0.95
CA PHE B 314 8.62 -3.40 -0.53
C PHE B 314 8.81 -3.91 0.90
N ASP B 315 7.72 -4.27 1.62
CA ASP B 315 7.81 -4.73 3.01
C ASP B 315 8.69 -5.95 3.23
N GLU B 316 8.76 -6.88 2.26
CA GLU B 316 9.61 -8.09 2.38
C GLU B 316 11.09 -7.69 2.45
N LEU B 317 11.48 -6.58 1.79
CA LEU B 317 12.86 -6.11 1.80
C LEU B 317 13.24 -5.61 3.19
N ARG B 318 12.25 -5.16 3.97
CA ARG B 318 12.48 -4.65 5.32
C ARG B 318 12.42 -5.77 6.39
N ASP B 319 12.18 -7.01 5.98
CA ASP B 319 12.15 -8.17 6.90
C ASP B 319 13.59 -8.51 7.29
N PRO B 320 13.93 -8.64 8.60
CA PRO B 320 15.32 -8.98 8.95
C PRO B 320 15.81 -10.33 8.40
N ASN B 321 14.88 -11.24 8.07
CA ASN B 321 15.20 -12.59 7.59
C ASN B 321 15.37 -12.71 6.06
N VAL B 322 15.20 -11.62 5.33
CA VAL B 322 15.25 -11.65 3.88
C VAL B 322 16.58 -12.08 3.27
N LYS B 323 16.51 -12.95 2.25
CA LYS B 323 17.68 -13.43 1.52
C LYS B 323 17.38 -13.37 0.03
N LEU B 324 18.43 -13.20 -0.77
CA LEU B 324 18.31 -13.28 -2.23
C LEU B 324 18.12 -14.77 -2.59
N PRO B 325 17.49 -15.11 -3.75
CA PRO B 325 17.39 -16.53 -4.14
C PRO B 325 18.75 -17.20 -4.35
N ASN B 326 19.84 -16.44 -4.58
CA ASN B 326 21.18 -17.03 -4.73
C ASN B 326 21.87 -17.31 -3.36
N GLY B 327 21.17 -17.01 -2.27
CA GLY B 327 21.62 -17.27 -0.91
C GLY B 327 22.24 -16.10 -0.18
N ARG B 328 22.66 -15.09 -0.93
CA ARG B 328 23.28 -13.88 -0.39
C ARG B 328 22.32 -12.97 0.36
N ASP B 329 22.91 -12.12 1.21
CA ASP B 329 22.16 -11.08 1.91
C ASP B 329 21.77 -10.04 0.86
N THR B 330 20.68 -9.31 1.12
CA THR B 330 20.26 -8.23 0.23
C THR B 330 21.35 -7.14 0.25
N PRO B 331 21.54 -6.34 -0.83
CA PRO B 331 22.51 -5.23 -0.75
C PRO B 331 22.04 -4.16 0.25
N ALA B 332 22.78 -3.05 0.38
CA ALA B 332 22.43 -1.94 1.25
C ALA B 332 21.13 -1.31 0.74
N LEU B 333 20.11 -1.24 1.62
CA LEU B 333 18.81 -0.68 1.25
C LEU B 333 18.35 0.43 2.22
N PHE B 334 18.91 0.49 3.44
CA PHE B 334 18.47 1.39 4.50
C PHE B 334 19.48 2.43 4.98
N ASN B 335 20.67 2.46 4.39
CA ASN B 335 21.70 3.44 4.76
C ASN B 335 21.32 4.84 4.17
N PHE B 336 20.10 5.32 4.51
CA PHE B 336 19.64 6.62 4.04
C PHE B 336 20.37 7.68 4.81
N THR B 337 20.85 8.69 4.10
CA THR B 337 21.53 9.81 4.74
C THR B 337 20.41 10.75 5.19
N THR B 338 20.70 11.64 6.16
CA THR B 338 19.72 12.64 6.62
C THR B 338 19.30 13.49 5.41
N GLN B 339 20.23 13.70 4.44
CA GLN B 339 20.01 14.44 3.20
C GLN B 339 19.00 13.72 2.34
N GLU B 340 19.17 12.37 2.14
CA GLU B 340 18.30 11.56 1.28
C GLU B 340 16.84 11.66 1.68
N LEU B 341 16.60 11.80 2.98
CA LEU B 341 15.26 11.88 3.55
C LEU B 341 14.68 13.31 3.59
N SER B 342 15.39 14.31 3.00
CA SER B 342 15.06 15.75 2.98
C SER B 342 13.64 16.11 2.60
N SER B 343 13.18 15.62 1.45
CA SER B 343 11.84 15.88 0.92
C SER B 343 10.71 15.41 1.85
N ASN B 344 10.96 14.41 2.72
CA ASN B 344 9.95 13.82 3.59
C ASN B 344 10.52 13.01 4.79
N PRO B 345 11.08 13.68 5.82
CA PRO B 345 11.57 12.94 7.02
C PRO B 345 10.58 11.97 7.71
N PRO B 346 9.23 12.19 7.83
CA PRO B 346 8.38 11.16 8.49
C PRO B 346 8.49 9.75 7.91
N LEU B 347 8.91 9.62 6.61
CA LEU B 347 9.04 8.33 5.94
C LEU B 347 10.11 7.41 6.52
N ALA B 348 11.09 7.96 7.27
CA ALA B 348 12.16 7.21 7.95
C ALA B 348 11.62 6.06 8.83
N THR B 349 10.41 6.25 9.42
CA THR B 349 9.73 5.29 10.31
C THR B 349 9.46 4.00 9.56
N ILE B 350 9.08 4.14 8.29
CA ILE B 350 8.87 2.97 7.46
C ILE B 350 10.21 2.61 6.84
N LEU B 351 10.91 3.58 6.22
CA LEU B 351 12.14 3.34 5.46
C LEU B 351 13.28 2.63 6.18
N ILE B 352 13.54 3.01 7.43
CA ILE B 352 14.62 2.41 8.22
C ILE B 352 14.02 1.48 9.26
N PRO B 353 14.02 0.16 9.00
CA PRO B 353 13.39 -0.78 9.94
C PRO B 353 14.15 -0.89 11.26
N PRO B 354 13.47 -1.33 12.36
CA PRO B 354 14.18 -1.42 13.66
C PRO B 354 15.54 -2.11 13.63
N HIS B 355 15.65 -3.26 12.92
CA HIS B 355 16.88 -4.06 12.83
C HIS B 355 18.06 -3.35 12.14
N ALA B 356 17.75 -2.32 11.32
CA ALA B 356 18.73 -1.54 10.57
C ALA B 356 19.32 -0.36 11.35
N ARG B 357 18.63 0.10 12.43
CA ARG B 357 19.06 1.24 13.23
C ARG B 357 20.35 0.98 14.03
N ILE B 358 21.35 1.85 13.81
CA ILE B 358 22.66 1.81 14.45
C ILE B 358 22.88 3.06 15.30
N HIS C 4 -19.61 -28.13 15.32
N HIS C 4 -20.56 -27.81 16.24
CA HIS C 4 -19.30 -27.55 16.64
CA HIS C 4 -19.61 -27.52 17.32
C HIS C 4 -18.99 -28.67 17.63
C HIS C 4 -19.12 -28.82 18.00
N ARG C 5 -19.91 -29.65 17.77
N ARG C 5 -19.99 -29.84 18.12
CA ARG C 5 -19.66 -30.88 18.53
CA ARG C 5 -19.61 -31.15 18.64
C ARG C 5 -18.81 -31.69 17.55
C ARG C 5 -18.82 -31.85 17.53
N LEU C 6 -19.13 -31.55 16.25
CA LEU C 6 -18.41 -32.09 15.11
C LEU C 6 -17.05 -31.35 15.03
N LEU C 7 -17.03 -30.00 15.18
CA LEU C 7 -15.78 -29.26 15.15
C LEU C 7 -14.86 -29.71 16.28
N GLN C 8 -15.37 -29.80 17.55
CA GLN C 8 -14.63 -30.25 18.73
C GLN C 8 -14.01 -31.60 18.40
N GLN C 9 -14.79 -32.50 17.82
CA GLN C 9 -14.34 -33.84 17.46
C GLN C 9 -13.20 -33.84 16.45
N LEU C 10 -13.30 -33.03 15.40
CA LEU C 10 -12.29 -32.90 14.35
C LEU C 10 -10.98 -32.31 14.92
N VAL C 11 -11.12 -31.33 15.82
CA VAL C 11 -9.95 -30.73 16.47
C VAL C 11 -9.27 -31.79 17.36
N LEU C 12 -10.03 -32.54 18.18
CA LEU C 12 -9.45 -33.58 19.04
C LEU C 12 -8.82 -34.73 18.28
N SER C 13 -9.39 -35.07 17.12
CA SER C 13 -8.91 -36.19 16.31
C SER C 13 -7.79 -35.81 15.33
N GLY C 14 -7.51 -34.51 15.16
CA GLY C 14 -6.52 -34.00 14.22
C GLY C 14 -6.93 -34.27 12.79
N ASN C 15 -8.25 -34.18 12.50
CA ASN C 15 -8.77 -34.43 11.16
C ASN C 15 -9.53 -33.25 10.60
N LEU C 16 -9.34 -32.08 11.19
CA LEU C 16 -10.04 -30.88 10.77
C LEU C 16 -9.78 -30.49 9.30
N ILE C 17 -8.51 -30.34 8.92
CA ILE C 17 -8.16 -29.90 7.56
C ILE C 17 -8.57 -30.92 6.51
N LYS C 18 -8.32 -32.22 6.77
CA LYS C 18 -8.69 -33.30 5.86
C LYS C 18 -10.18 -33.26 5.56
N GLU C 19 -11.02 -33.12 6.60
CA GLU C 19 -12.47 -33.12 6.49
C GLU C 19 -12.97 -31.86 5.79
N ALA C 20 -12.42 -30.68 6.15
CA ALA C 20 -12.76 -29.42 5.44
C ALA C 20 -12.44 -29.55 3.95
N VAL C 21 -11.27 -30.14 3.59
CA VAL C 21 -10.83 -30.35 2.20
C VAL C 21 -11.81 -31.28 1.48
N ARG C 22 -12.27 -32.33 2.16
CA ARG C 22 -13.28 -33.23 1.62
C ARG C 22 -14.58 -32.47 1.32
N ARG C 23 -15.05 -31.59 2.24
CA ARG C 23 -16.28 -30.81 2.11
C ARG C 23 -16.25 -29.80 0.98
N LEU C 24 -15.04 -29.33 0.59
CA LEU C 24 -14.81 -28.45 -0.56
C LEU C 24 -15.50 -29.12 -1.77
N HIS C 25 -15.69 -30.45 -1.63
CA HIS C 25 -16.41 -31.44 -2.43
C HIS C 25 -15.83 -31.97 -3.73
N SER C 26 -14.50 -31.90 -4.01
CA SER C 26 -13.41 -31.28 -3.25
C SER C 26 -12.54 -30.43 -4.18
N HIS D 4 5.80 11.64 -35.85
CA HIS D 4 6.47 12.70 -35.09
C HIS D 4 5.88 14.07 -35.46
N ARG D 5 5.89 14.40 -36.77
CA ARG D 5 5.28 15.61 -37.29
C ARG D 5 3.77 15.53 -37.05
N LEU D 6 3.18 14.31 -37.19
CA LEU D 6 1.75 14.08 -36.98
C LEU D 6 1.32 14.40 -35.56
N LEU D 7 2.04 13.84 -34.56
CA LEU D 7 1.75 14.08 -33.15
C LEU D 7 1.76 15.58 -32.84
N GLN D 8 2.81 16.29 -33.28
CA GLN D 8 2.97 17.73 -33.06
C GLN D 8 1.76 18.48 -33.60
N GLN D 9 1.31 18.10 -34.79
CA GLN D 9 0.16 18.71 -35.42
C GLN D 9 -1.15 18.49 -34.65
N LEU D 10 -1.39 17.27 -34.17
CA LEU D 10 -2.59 16.92 -33.40
C LEU D 10 -2.60 17.64 -32.07
N VAL D 11 -1.41 17.90 -31.49
CA VAL D 11 -1.24 18.64 -30.25
C VAL D 11 -1.62 20.10 -30.51
N LEU D 12 -1.07 20.69 -31.58
CA LEU D 12 -1.35 22.08 -31.90
C LEU D 12 -2.77 22.32 -32.36
N SER D 13 -3.40 21.33 -33.04
CA SER D 13 -4.76 21.48 -33.56
C SER D 13 -5.84 21.11 -32.56
N GLY D 14 -5.43 20.42 -31.50
CA GLY D 14 -6.34 19.97 -30.44
C GLY D 14 -7.22 18.82 -30.88
N ASN D 15 -6.67 17.87 -31.64
CA ASN D 15 -7.39 16.70 -32.14
C ASN D 15 -6.74 15.39 -31.73
N LEU D 16 -5.78 15.45 -30.79
CA LEU D 16 -5.07 14.25 -30.35
C LEU D 16 -5.93 13.10 -29.80
N ILE D 17 -6.79 13.39 -28.81
CA ILE D 17 -7.62 12.34 -28.19
C ILE D 17 -8.60 11.71 -29.18
N LYS D 18 -9.33 12.54 -29.95
CA LYS D 18 -10.26 11.96 -30.91
C LYS D 18 -9.54 11.09 -31.97
N GLU D 19 -8.30 11.46 -32.37
CA GLU D 19 -7.52 10.67 -33.34
C GLU D 19 -7.00 9.38 -32.70
N ALA D 20 -6.57 9.44 -31.44
CA ALA D 20 -6.09 8.25 -30.73
C ALA D 20 -7.25 7.24 -30.56
N VAL D 21 -8.44 7.72 -30.17
CA VAL D 21 -9.65 6.89 -29.96
C VAL D 21 -10.05 6.20 -31.28
N ARG D 22 -9.96 6.92 -32.41
CA ARG D 22 -10.25 6.38 -33.73
C ARG D 22 -9.30 5.21 -34.07
N ARG D 23 -8.00 5.39 -33.80
CA ARG D 23 -6.96 4.40 -34.07
C ARG D 23 -7.12 3.12 -33.26
N LEU D 24 -7.63 3.19 -32.01
CA LEU D 24 -7.82 1.97 -31.24
C LEU D 24 -9.06 1.18 -31.68
N HIS D 25 -10.06 1.88 -32.23
CA HIS D 25 -11.30 1.25 -32.72
C HIS D 25 -11.17 0.79 -34.17
N SER D 26 -10.31 1.47 -34.96
CA SER D 26 -10.00 1.30 -36.39
C SER D 26 -10.20 -0.11 -36.96
S SO4 E . -13.05 -16.35 28.45
O1 SO4 E . -12.05 -16.25 27.40
O2 SO4 E . -12.46 -15.86 29.70
O3 SO4 E . -14.21 -15.52 28.01
O4 SO4 E . -13.46 -17.73 28.60
S SO4 F . -11.45 -11.33 33.79
O1 SO4 F . -10.94 -10.98 32.47
O2 SO4 F . -11.29 -12.78 34.04
O3 SO4 F . -12.88 -10.99 33.90
O4 SO4 F . -10.70 -10.59 34.82
S SO4 G . 0.41 -9.61 29.32
O1 SO4 G . 1.21 -8.52 28.75
O2 SO4 G . 0.06 -10.57 28.28
O3 SO4 G . -0.82 -9.03 29.90
O4 SO4 G . 1.17 -10.30 30.36
C1 GOL H . -17.36 5.62 -6.14
O1 GOL H . -16.59 4.53 -5.58
C2 GOL H . -18.87 5.32 -6.09
O2 GOL H . -19.17 3.96 -6.45
C3 GOL H . -19.66 6.30 -6.96
O3 GOL H . -20.52 7.14 -6.15
C1 GOL I . -35.45 -1.06 31.48
O1 GOL I . -36.38 -1.64 32.39
C2 GOL I . -34.85 0.21 32.06
O2 GOL I . -33.57 -0.05 32.67
C3 GOL I . -34.75 1.22 30.94
O3 GOL I . -35.73 2.19 31.24
C1 GOL J . -12.87 -26.69 19.41
O1 GOL J . -11.63 -27.00 20.07
C2 GOL J . -12.75 -25.25 18.83
O2 GOL J . -12.52 -25.29 17.48
C3 GOL J . -13.83 -24.19 19.17
O3 GOL J . -15.14 -24.53 18.70
C5 SJJ K . -24.70 -0.52 21.97
C7 SJJ K . -26.35 -1.40 20.50
C4 SJJ K . -24.44 -1.78 22.45
C8 SJJ K . -26.10 -2.67 20.97
C19 SJJ K . -30.46 2.55 16.27
C23 SJJ K . -30.15 0.24 15.75
C20 SJJ K . -31.82 2.33 16.18
C22 SJJ K . -31.52 0.13 15.69
C11 SJJ K . -25.62 3.20 20.78
C6 SJJ K . -25.67 -0.31 21.00
C18 SJJ K . -29.61 1.48 16.04
C3 SJJ K . -25.15 -2.86 21.95
C9 SJJ K . -25.93 1.06 20.59
C13 SJJ K . -26.62 1.74 19.60
C14 SJJ K . -27.40 1.25 18.43
C1 SJJ K . -25.61 -5.12 21.89
C17 SJJ K . -28.15 1.65 16.11
N21 SJJ K . -32.37 1.15 15.90
N12 SJJ K . -26.41 3.09 19.74
N16 SJJ K . -27.77 2.15 17.46
O15 SJJ K . -27.63 0.06 18.32
O10 SJJ K . -25.29 2.01 21.34
O2 SJJ K . -24.81 -4.10 22.51
S SO4 L . 15.76 20.80 -23.15
O1 SO4 L . 16.44 21.91 -22.47
O2 SO4 L . 16.65 19.66 -23.29
O3 SO4 L . 14.63 20.40 -22.34
O4 SO4 L . 15.31 21.20 -24.46
S SO4 M . 21.23 23.98 -19.39
O1 SO4 M . 20.26 24.34 -20.44
O2 SO4 M . 20.57 23.20 -18.33
O3 SO4 M . 21.78 25.21 -18.81
O4 SO4 M . 22.32 23.21 -20.00
S SO4 N . -16.38 18.57 -19.26
O1 SO4 N . -16.61 19.80 -19.99
O2 SO4 N . -16.00 17.50 -20.20
O3 SO4 N . -17.59 18.17 -18.54
O4 SO4 N . -15.29 18.77 -18.31
C1 GOL O . 10.14 -15.43 -5.86
O1 GOL O . 10.34 -14.09 -5.29
C2 GOL O . 8.72 -15.78 -6.41
O2 GOL O . 8.14 -14.79 -7.26
C3 GOL O . 8.81 -17.09 -7.23
O3 GOL O . 8.56 -16.90 -8.65
C1 GOL P . 10.32 -9.30 -23.95
O1 GOL P . 8.90 -9.58 -23.90
C2 GOL P . 10.89 -8.79 -22.62
O2 GOL P . 12.32 -8.72 -22.73
C3 GOL P . 10.39 -7.39 -22.33
O3 GOL P . 10.53 -7.12 -20.95
C1 GOL Q . 22.62 1.94 -21.96
O1 GOL Q . 22.67 2.25 -23.37
C2 GOL Q . 23.29 0.58 -21.74
O2 GOL Q . 23.29 0.24 -20.37
C3 GOL Q . 22.71 -0.53 -22.66
O3 GOL Q . 21.65 -1.24 -22.02
C1 GOL R . 39.06 4.52 -27.08
O1 GOL R . 39.41 5.65 -27.88
C2 GOL R . 39.35 4.73 -25.57
O2 GOL R . 40.69 4.36 -25.19
C3 GOL R . 38.84 6.06 -24.98
O3 GOL R . 39.08 7.25 -25.78
C5 SJJ S . 26.83 3.99 -18.94
C7 SJJ S . 26.63 2.33 -20.63
C4 SJJ S . 26.25 4.92 -19.77
C8 SJJ S . 26.05 3.26 -21.48
C19 SJJ S . 26.18 -4.21 -21.24
C23 SJJ S . 28.08 -4.41 -19.83
C20 SJJ S . 26.85 -4.99 -22.16
C22 SJJ S . 28.65 -5.19 -20.81
C11 SJJ S . 28.84 1.18 -16.75
C6 SJJ S . 27.03 2.67 -19.35
C18 SJJ S . 26.82 -3.91 -20.05
C3 SJJ S . 25.86 4.56 -21.05
C9 SJJ S . 27.61 1.71 -18.43
C13 SJJ S . 27.69 0.34 -18.31
C14 SJJ S . 27.03 -0.77 -19.05
C1 SJJ S . 24.79 5.01 -23.05
C17 SJJ S . 26.12 -3.07 -19.04
N21 SJJ S . 28.08 -5.50 -21.98
N12 SJJ S . 28.49 0.01 -17.23
N16 SJJ S . 27.02 -2.04 -18.50
O15 SJJ S . 26.46 -0.53 -20.09
O10 SJJ S . 28.34 2.25 -17.42
O2 SJJ S . 25.31 5.56 -21.83
#